data_7NQR
#
_entry.id   7NQR
#
_cell.length_a   79.97
_cell.length_b   102.56
_cell.length_c   103.71
_cell.angle_alpha   90
_cell.angle_beta   90
_cell.angle_gamma   90
#
_symmetry.space_group_name_H-M   'P 21 21 21'
#
loop_
_entity.id
_entity.type
_entity.pdbx_description
1 polymer 'Heat shock protein 70'
2 non-polymer GLYCEROL
3 non-polymer 1-(2-METHOXY-ETHOXY)-2-{2-[2-(2-METHOXY-ETHOXY]-ETHOXY}-ETHANE
4 non-polymer 'AMP PHOSPHORAMIDATE'
5 non-polymer 'PHOSPHATE ION'
6 non-polymer 'CHLORIDE ION'
7 non-polymer (S)-N-(1-cyclopropylethyl)-6-methylpicolinamide
8 water water
#
_entity_poly.entity_id   1
_entity_poly.type   'polypeptide(L)'
_entity_poly.pdbx_seq_one_letter_code
;GPAEESEVAIGIDLGTTYSCVGICRNGVVDIIANDQGNRTTPSYVAFTDTERLIGDAAKNQASRNPENTVFDAKRLIGRK
FSETTVQSDMKHWPFTVKGGSDGKPMIEVSYQGEKKTFHPEEISSMVLKKMKEVAETYLGKPVKNAVITVPAYFNDSQRQ
ATKDAGAIAGLNVLRIINEPTAAAIAYGLDKKGKGEQNILIFDLGGGTFDVSLLTLEDGIFEVKATSGDTHLGGEDFDNK
LVNFCVQDFKKKNGGKDVSKNSKSLRRLRTQCEKAKRVLSSSAQATIEVDSLFDGIDYNVNITRAKFEELCMDQFRNTLI
PVEKVLKDAKMDKSQVHEIVLVGGSTRIPKIQQLIKDFFNGKEP(CSX)KAINPDEAVAYGAAVQAAILSGDQSSAV
;
_entity_poly.pdbx_strand_id   A,B
#
# COMPACT_ATOMS: atom_id res chain seq x y z
N GLU A 7 11.41 -4.12 -31.27
CA GLU A 7 10.55 -5.26 -31.51
C GLU A 7 10.69 -6.36 -30.42
N VAL A 8 11.94 -6.79 -30.14
CA VAL A 8 12.17 -7.87 -29.17
C VAL A 8 11.98 -7.40 -27.71
N ALA A 9 11.06 -8.08 -27.01
CA ALA A 9 10.75 -7.82 -25.61
C ALA A 9 10.95 -9.10 -24.79
N ILE A 10 11.63 -8.96 -23.62
CA ILE A 10 11.92 -10.01 -22.65
C ILE A 10 11.18 -9.77 -21.34
N GLY A 11 11.03 -10.83 -20.55
CA GLY A 11 10.45 -10.73 -19.23
C GLY A 11 11.55 -11.02 -18.23
N ILE A 12 11.70 -10.17 -17.22
CA ILE A 12 12.74 -10.35 -16.20
C ILE A 12 12.15 -10.42 -14.82
N ASP A 13 12.44 -11.51 -14.11
CA ASP A 13 12.17 -11.63 -12.68
C ASP A 13 13.44 -11.10 -12.02
N LEU A 14 13.38 -9.89 -11.42
CA LEU A 14 14.48 -9.30 -10.69
C LEU A 14 14.28 -9.74 -9.23
N GLY A 15 14.84 -10.90 -8.89
CA GLY A 15 14.66 -11.52 -7.58
C GLY A 15 15.55 -11.00 -6.49
N THR A 16 15.18 -11.29 -5.23
CA THR A 16 15.97 -10.84 -4.07
C THR A 16 17.34 -11.47 -4.08
N THR A 17 17.42 -12.79 -4.34
CA THR A 17 18.63 -13.60 -4.32
C THR A 17 19.00 -14.07 -5.74
N TYR A 18 18.00 -14.41 -6.61
CA TYR A 18 18.19 -14.86 -8.01
C TYR A 18 17.28 -14.12 -8.97
N SER A 19 17.80 -13.87 -10.17
CA SER A 19 17.08 -13.24 -11.25
C SER A 19 16.96 -14.23 -12.44
N CYS A 20 15.94 -14.06 -13.27
CA CYS A 20 15.68 -14.99 -14.36
C CYS A 20 15.13 -14.19 -15.55
N VAL A 21 15.53 -14.58 -16.77
CA VAL A 21 15.06 -13.89 -17.97
C VAL A 21 14.42 -14.89 -18.95
N GLY A 22 13.28 -14.53 -19.51
CA GLY A 22 12.61 -15.36 -20.49
C GLY A 22 12.16 -14.58 -21.71
N ILE A 23 11.88 -15.28 -22.80
CA ILE A 23 11.35 -14.70 -24.00
C ILE A 23 10.21 -15.55 -24.51
N CYS A 24 9.14 -14.90 -24.92
CA CYS A 24 7.98 -15.59 -25.45
C CYS A 24 7.90 -15.30 -26.93
N ARG A 25 8.14 -16.31 -27.74
CA ARG A 25 8.08 -16.19 -29.19
C ARG A 25 7.25 -17.34 -29.73
N ASN A 26 6.40 -17.03 -30.70
CA ASN A 26 5.57 -18.01 -31.34
C ASN A 26 4.67 -18.79 -30.37
N GLY A 27 4.26 -18.13 -29.30
CA GLY A 27 3.38 -18.75 -28.33
C GLY A 27 4.08 -19.57 -27.27
N VAL A 28 5.42 -19.77 -27.38
CA VAL A 28 6.11 -20.55 -26.37
C VAL A 28 7.21 -19.73 -25.66
N VAL A 29 7.48 -20.13 -24.43
CA VAL A 29 8.42 -19.40 -23.61
C VAL A 29 9.73 -20.13 -23.44
N ASP A 30 10.84 -19.48 -23.79
CA ASP A 30 12.18 -19.99 -23.52
C ASP A 30 12.80 -19.22 -22.30
N ILE A 31 13.17 -19.95 -21.22
CA ILE A 31 13.91 -19.38 -20.10
C ILE A 31 15.37 -19.47 -20.49
N ILE A 32 16.07 -18.34 -20.55
CA ILE A 32 17.43 -18.31 -21.10
C ILE A 32 18.56 -18.56 -20.09
N ALA A 33 19.38 -19.57 -20.36
CA ALA A 33 20.55 -19.93 -19.56
C ALA A 33 21.64 -18.90 -19.77
N ASN A 34 22.40 -18.62 -18.71
CA ASN A 34 23.50 -17.66 -18.75
C ASN A 34 24.80 -18.36 -19.24
N ASP A 35 25.96 -17.66 -19.16
CA ASP A 35 27.28 -18.15 -19.55
C ASP A 35 27.68 -19.46 -18.92
N GLN A 36 27.26 -19.72 -17.70
CA GLN A 36 27.61 -20.96 -17.00
C GLN A 36 26.57 -22.08 -17.19
N GLY A 37 25.57 -21.86 -18.05
CA GLY A 37 24.48 -22.80 -18.27
C GLY A 37 23.41 -22.75 -17.20
N ASN A 38 23.40 -21.69 -16.35
CA ASN A 38 22.42 -21.57 -15.27
C ASN A 38 21.18 -20.82 -15.75
N ARG A 39 19.99 -21.37 -15.45
CA ARG A 39 18.72 -20.80 -15.88
C ARG A 39 18.22 -19.61 -15.01
N THR A 40 18.88 -19.41 -13.86
CA THR A 40 18.72 -18.28 -12.96
C THR A 40 20.14 -17.76 -12.62
N THR A 41 20.25 -16.48 -12.27
CA THR A 41 21.51 -15.82 -12.03
C THR A 41 21.44 -15.10 -10.72
N PRO A 42 22.41 -15.33 -9.82
CA PRO A 42 22.39 -14.62 -8.53
C PRO A 42 22.30 -13.09 -8.70
N SER A 43 21.48 -12.43 -7.85
CA SER A 43 21.35 -10.97 -7.88
C SER A 43 22.49 -10.38 -7.03
N TYR A 44 23.73 -10.66 -7.45
CA TYR A 44 24.95 -10.26 -6.75
C TYR A 44 25.81 -9.40 -7.67
N VAL A 45 26.47 -8.39 -7.10
CA VAL A 45 27.42 -7.53 -7.78
C VAL A 45 28.65 -7.40 -6.89
N ALA A 46 29.84 -7.73 -7.39
CA ALA A 46 31.07 -7.62 -6.61
C ALA A 46 32.08 -6.71 -7.29
N PHE A 47 32.89 -6.05 -6.48
CA PHE A 47 33.93 -5.14 -6.95
C PHE A 47 35.25 -5.63 -6.38
N THR A 48 36.27 -5.79 -7.24
CA THR A 48 37.60 -6.28 -6.84
C THR A 48 38.67 -5.19 -7.20
N ASP A 49 39.96 -5.51 -7.02
CA ASP A 49 41.03 -4.60 -7.40
C ASP A 49 41.07 -4.43 -8.93
N THR A 50 40.52 -5.39 -9.71
CA THR A 50 40.58 -5.31 -11.17
C THR A 50 39.25 -5.25 -11.91
N GLU A 51 38.19 -5.88 -11.37
CA GLU A 51 36.95 -5.98 -12.13
C GLU A 51 35.65 -5.88 -11.32
N ARG A 52 34.54 -5.68 -12.05
CA ARG A 52 33.20 -5.64 -11.54
C ARG A 52 32.53 -6.94 -12.01
N LEU A 53 32.19 -7.82 -11.07
CA LEU A 53 31.59 -9.12 -11.33
C LEU A 53 30.08 -9.08 -11.07
N ILE A 54 29.28 -9.76 -11.90
CA ILE A 54 27.83 -9.79 -11.75
C ILE A 54 27.35 -11.22 -11.91
N GLY A 55 26.44 -11.66 -11.05
CA GLY A 55 25.86 -12.98 -11.13
C GLY A 55 26.68 -14.05 -10.47
N ASP A 56 26.84 -15.19 -11.16
CA ASP A 56 27.58 -16.34 -10.65
C ASP A 56 28.99 -16.01 -10.21
N ALA A 57 29.73 -15.25 -11.00
CA ALA A 57 31.11 -14.90 -10.66
C ALA A 57 31.17 -14.06 -9.39
N ALA A 58 30.16 -13.18 -9.16
CA ALA A 58 30.10 -12.38 -7.95
C ALA A 58 29.74 -13.24 -6.75
N LYS A 59 28.73 -14.11 -6.86
CA LYS A 59 28.36 -14.98 -5.73
C LYS A 59 29.50 -15.95 -5.38
N ASN A 60 30.23 -16.43 -6.39
CA ASN A 60 31.28 -17.42 -6.18
C ASN A 60 32.46 -16.90 -5.36
N GLN A 61 32.77 -15.59 -5.43
CA GLN A 61 33.86 -15.04 -4.65
C GLN A 61 33.34 -14.25 -3.41
N ALA A 62 32.05 -14.37 -3.03
CA ALA A 62 31.50 -13.63 -1.90
C ALA A 62 32.21 -13.90 -0.58
N SER A 63 32.55 -15.17 -0.29
CA SER A 63 33.22 -15.51 0.96
C SER A 63 34.65 -14.98 1.04
N ARG A 64 35.32 -14.79 -0.11
CA ARG A 64 36.68 -14.23 -0.16
C ARG A 64 36.70 -12.70 -0.16
N ASN A 65 35.59 -12.05 -0.57
CA ASN A 65 35.54 -10.59 -0.67
C ASN A 65 34.19 -10.09 -0.10
N PRO A 66 33.89 -10.39 1.19
CA PRO A 66 32.57 -10.05 1.73
C PRO A 66 32.21 -8.58 1.75
N GLU A 67 33.17 -7.73 2.00
CA GLU A 67 32.95 -6.29 2.13
C GLU A 67 32.54 -5.63 0.83
N ASN A 68 33.01 -6.16 -0.31
CA ASN A 68 32.77 -5.58 -1.62
C ASN A 68 31.86 -6.42 -2.54
N THR A 69 31.11 -7.35 -1.94
CA THR A 69 30.15 -8.17 -2.65
C THR A 69 28.77 -7.76 -2.17
N VAL A 70 27.98 -7.16 -3.07
CA VAL A 70 26.66 -6.64 -2.78
C VAL A 70 25.57 -7.62 -3.24
N PHE A 71 24.56 -7.81 -2.38
CA PHE A 71 23.37 -8.61 -2.64
C PHE A 71 22.22 -7.94 -1.85
N ASP A 72 20.99 -8.45 -1.94
CA ASP A 72 19.84 -7.88 -1.21
C ASP A 72 19.50 -6.45 -1.55
N ALA A 73 19.96 -5.92 -2.70
CA ALA A 73 19.62 -4.53 -3.06
C ALA A 73 18.10 -4.36 -3.19
N LYS A 74 17.34 -5.45 -3.46
CA LYS A 74 15.87 -5.42 -3.53
C LYS A 74 15.26 -5.04 -2.17
N ARG A 75 15.96 -5.35 -1.07
CA ARG A 75 15.48 -4.93 0.27
C ARG A 75 15.67 -3.44 0.48
N LEU A 76 16.53 -2.78 -0.32
CA LEU A 76 16.81 -1.35 -0.15
C LEU A 76 16.18 -0.49 -1.22
N ILE A 77 15.89 -1.05 -2.40
CA ILE A 77 15.41 -0.28 -3.54
C ILE A 77 14.12 0.49 -3.23
N GLY A 78 14.17 1.80 -3.50
CA GLY A 78 13.03 2.67 -3.25
C GLY A 78 12.74 2.96 -1.79
N ARG A 79 13.65 2.59 -0.88
CA ARG A 79 13.46 2.87 0.55
C ARG A 79 14.31 4.07 1.00
N LYS A 80 13.88 4.72 2.09
CA LYS A 80 14.68 5.73 2.76
C LYS A 80 15.58 4.93 3.71
N PHE A 81 16.82 5.36 3.86
CA PHE A 81 17.77 4.70 4.74
C PHE A 81 17.25 4.60 6.19
N SER A 82 16.47 5.60 6.62
CA SER A 82 15.94 5.65 8.00
C SER A 82 14.82 4.64 8.28
N GLU A 83 14.23 4.01 7.26
CA GLU A 83 13.16 3.02 7.45
C GLU A 83 13.57 1.91 8.38
N THR A 84 12.66 1.45 9.25
CA THR A 84 13.00 0.44 10.25
C THR A 84 13.38 -0.87 9.62
N THR A 85 12.86 -1.19 8.41
CA THR A 85 13.25 -2.43 7.77
C THR A 85 14.73 -2.39 7.39
N VAL A 86 15.27 -1.23 6.98
CA VAL A 86 16.70 -1.10 6.67
C VAL A 86 17.57 -1.34 7.96
N GLN A 87 17.13 -0.76 9.08
CA GLN A 87 17.83 -0.88 10.34
C GLN A 87 17.94 -2.32 10.79
N SER A 88 16.90 -3.06 10.60
CA SER A 88 16.80 -4.45 10.95
C SER A 88 17.59 -5.37 9.98
N ASP A 89 17.45 -5.13 8.66
CA ASP A 89 18.09 -5.96 7.63
C ASP A 89 19.57 -5.76 7.59
N MET A 90 20.07 -4.56 7.92
CA MET A 90 21.51 -4.29 7.75
C MET A 90 22.43 -5.17 8.59
N LYS A 91 21.89 -5.83 9.65
CA LYS A 91 22.68 -6.75 10.47
C LYS A 91 23.16 -7.95 9.65
N HIS A 92 22.39 -8.32 8.60
CA HIS A 92 22.65 -9.42 7.73
C HIS A 92 23.69 -9.11 6.61
N TRP A 93 24.10 -7.84 6.46
CA TRP A 93 24.98 -7.47 5.36
C TRP A 93 26.42 -7.21 5.74
N PRO A 94 27.39 -7.92 5.13
CA PRO A 94 28.81 -7.62 5.41
C PRO A 94 29.28 -6.34 4.71
N PHE A 95 28.53 -5.81 3.75
CA PHE A 95 28.88 -4.59 3.05
C PHE A 95 28.29 -3.38 3.78
N THR A 96 28.90 -2.22 3.56
CA THR A 96 28.49 -1.00 4.24
C THR A 96 27.39 -0.23 3.51
N VAL A 97 26.35 0.19 4.25
CA VAL A 97 25.26 0.98 3.73
C VAL A 97 25.12 2.19 4.65
N LYS A 98 25.13 3.39 4.07
CA LYS A 98 25.01 4.64 4.81
C LYS A 98 23.89 5.47 4.16
N GLY A 99 23.43 6.49 4.86
CA GLY A 99 22.39 7.36 4.33
C GLY A 99 22.97 8.61 3.70
N GLY A 100 22.45 8.95 2.53
CA GLY A 100 22.85 10.15 1.83
C GLY A 100 22.09 11.35 2.34
N SER A 101 22.45 12.56 1.90
CA SER A 101 21.77 13.79 2.34
C SER A 101 20.30 13.83 1.90
N ASP A 102 19.97 13.14 0.80
CA ASP A 102 18.60 12.98 0.31
C ASP A 102 17.84 11.84 1.03
N GLY A 103 18.45 11.19 2.01
CA GLY A 103 17.87 10.07 2.74
C GLY A 103 17.91 8.74 2.00
N LYS A 104 18.53 8.69 0.81
CA LYS A 104 18.61 7.47 0.04
C LYS A 104 19.77 6.62 0.53
N PRO A 105 19.62 5.28 0.54
CA PRO A 105 20.75 4.42 0.91
C PRO A 105 21.88 4.51 -0.12
N MET A 106 23.11 4.49 0.37
CA MET A 106 24.33 4.51 -0.42
C MET A 106 25.12 3.26 -0.04
N ILE A 107 25.34 2.36 -0.96
CA ILE A 107 26.11 1.14 -0.72
C ILE A 107 27.56 1.47 -1.01
N GLU A 108 28.45 1.30 -0.02
CA GLU A 108 29.86 1.65 -0.12
C GLU A 108 30.75 0.45 -0.27
N VAL A 109 31.54 0.45 -1.35
CA VAL A 109 32.48 -0.63 -1.66
C VAL A 109 33.83 -0.02 -2.08
N SER A 110 34.85 -0.87 -2.20
CA SER A 110 36.14 -0.49 -2.74
C SER A 110 36.21 -1.17 -4.13
N TYR A 111 36.56 -0.40 -5.15
CA TYR A 111 36.67 -0.88 -6.53
C TYR A 111 37.94 -0.30 -7.15
N GLN A 112 38.91 -1.18 -7.49
CA GLN A 112 40.19 -0.77 -8.05
C GLN A 112 40.95 0.19 -7.10
N GLY A 113 40.91 -0.14 -5.81
CA GLY A 113 41.60 0.64 -4.78
C GLY A 113 40.97 1.98 -4.44
N GLU A 114 39.72 2.20 -4.88
CA GLU A 114 39.03 3.48 -4.62
C GLU A 114 37.67 3.25 -3.96
N LYS A 115 37.28 4.14 -3.03
CA LYS A 115 35.96 4.06 -2.40
C LYS A 115 34.89 4.53 -3.39
N LYS A 116 33.87 3.69 -3.65
CA LYS A 116 32.75 3.97 -4.55
C LYS A 116 31.42 3.80 -3.77
N THR A 117 30.40 4.60 -4.13
CA THR A 117 29.06 4.50 -3.53
C THR A 117 28.00 4.31 -4.62
N PHE A 118 26.99 3.51 -4.34
CA PHE A 118 25.94 3.24 -5.30
C PHE A 118 24.59 3.29 -4.64
N HIS A 119 23.58 3.80 -5.34
CA HIS A 119 22.21 3.73 -4.88
C HIS A 119 21.72 2.29 -5.15
N PRO A 120 20.72 1.82 -4.41
CA PRO A 120 20.20 0.45 -4.66
C PRO A 120 19.78 0.21 -6.10
N GLU A 121 19.18 1.22 -6.75
CA GLU A 121 18.73 1.06 -8.15
C GLU A 121 19.91 0.97 -9.14
N GLU A 122 21.10 1.47 -8.75
CA GLU A 122 22.30 1.33 -9.56
C GLU A 122 22.80 -0.10 -9.47
N ILE A 123 22.75 -0.72 -8.28
CA ILE A 123 23.13 -2.12 -8.13
C ILE A 123 22.16 -3.00 -8.90
N SER A 124 20.87 -2.75 -8.75
CA SER A 124 19.85 -3.53 -9.46
C SER A 124 19.94 -3.34 -10.97
N SER A 125 20.37 -2.15 -11.44
CA SER A 125 20.57 -1.88 -12.87
C SER A 125 21.68 -2.79 -13.41
N MET A 126 22.71 -3.07 -12.60
CA MET A 126 23.79 -3.96 -13.05
C MET A 126 23.30 -5.40 -13.17
N VAL A 127 22.39 -5.83 -12.30
CA VAL A 127 21.82 -7.17 -12.40
C VAL A 127 20.91 -7.22 -13.67
N LEU A 128 20.08 -6.18 -13.88
CA LEU A 128 19.20 -6.12 -15.03
C LEU A 128 19.98 -6.10 -16.34
N LYS A 129 21.13 -5.40 -16.37
CA LYS A 129 22.01 -5.31 -17.54
C LYS A 129 22.59 -6.68 -17.84
N LYS A 130 22.96 -7.44 -16.79
CA LYS A 130 23.45 -8.81 -16.97
C LYS A 130 22.37 -9.69 -17.59
N MET A 131 21.10 -9.58 -17.13
CA MET A 131 19.99 -10.38 -17.67
C MET A 131 19.68 -9.99 -19.11
N LYS A 132 19.79 -8.69 -19.43
CA LYS A 132 19.64 -8.17 -20.80
C LYS A 132 20.71 -8.83 -21.69
N GLU A 133 21.97 -8.88 -21.24
CA GLU A 133 23.07 -9.47 -21.98
C GLU A 133 22.94 -10.97 -22.13
N VAL A 134 22.39 -11.66 -21.13
CA VAL A 134 22.14 -13.09 -21.20
C VAL A 134 21.17 -13.37 -22.37
N ALA A 135 20.12 -12.55 -22.50
CA ALA A 135 19.12 -12.66 -23.56
C ALA A 135 19.75 -12.30 -24.89
N GLU A 136 20.56 -11.24 -24.93
CA GLU A 136 21.22 -10.80 -26.17
C GLU A 136 22.15 -11.83 -26.74
N THR A 137 22.93 -12.51 -25.89
CA THR A 137 23.85 -13.57 -26.33
C THR A 137 23.07 -14.70 -26.95
N TYR A 138 21.94 -15.06 -26.36
CA TYR A 138 21.09 -16.13 -26.87
C TYR A 138 20.43 -15.74 -28.19
N LEU A 139 19.86 -14.54 -28.28
CA LEU A 139 19.19 -14.09 -29.49
C LEU A 139 20.13 -13.68 -30.61
N GLY A 140 21.34 -13.29 -30.27
CA GLY A 140 22.32 -12.79 -31.23
C GLY A 140 21.95 -11.41 -31.74
N LYS A 141 21.06 -10.69 -31.01
CA LYS A 141 20.54 -9.38 -31.40
C LYS A 141 20.34 -8.51 -30.14
N PRO A 142 20.43 -7.18 -30.27
CA PRO A 142 20.14 -6.32 -29.12
C PRO A 142 18.68 -6.42 -28.67
N VAL A 143 18.45 -6.23 -27.37
CA VAL A 143 17.13 -6.29 -26.74
C VAL A 143 16.91 -4.94 -26.07
N LYS A 144 15.76 -4.28 -26.32
CA LYS A 144 15.51 -2.98 -25.72
C LYS A 144 14.31 -2.99 -24.80
N ASN A 145 13.30 -3.79 -25.09
CA ASN A 145 12.04 -3.78 -24.34
C ASN A 145 11.97 -4.89 -23.31
N ALA A 146 11.36 -4.59 -22.16
CA ALA A 146 11.24 -5.58 -21.10
C ALA A 146 10.04 -5.34 -20.22
N VAL A 147 9.52 -6.43 -19.63
CA VAL A 147 8.55 -6.34 -18.53
C VAL A 147 9.35 -6.80 -17.31
N ILE A 148 9.32 -6.02 -16.23
CA ILE A 148 10.02 -6.38 -15.00
C ILE A 148 8.96 -6.59 -13.89
N THR A 149 9.16 -7.63 -13.08
CA THR A 149 8.24 -7.95 -12.01
C THR A 149 8.73 -7.39 -10.67
N VAL A 150 7.79 -7.12 -9.76
CA VAL A 150 8.03 -6.67 -8.39
C VAL A 150 7.03 -7.37 -7.47
N PRO A 151 7.35 -7.51 -6.17
CA PRO A 151 6.36 -8.07 -5.25
C PRO A 151 5.08 -7.24 -5.22
N ALA A 152 3.93 -7.88 -4.99
CA ALA A 152 2.64 -7.19 -4.95
C ALA A 152 2.60 -6.09 -3.90
N TYR A 153 3.31 -6.26 -2.77
CA TYR A 153 3.29 -5.27 -1.69
C TYR A 153 4.21 -4.06 -1.98
N PHE A 154 5.04 -4.08 -3.05
CA PHE A 154 5.92 -2.95 -3.36
C PHE A 154 5.12 -1.67 -3.51
N ASN A 155 5.56 -0.61 -2.85
CA ASN A 155 4.87 0.68 -2.92
C ASN A 155 5.31 1.44 -4.18
N ASP A 156 4.76 2.63 -4.41
CA ASP A 156 5.06 3.44 -5.56
C ASP A 156 6.59 3.74 -5.67
N SER A 157 7.23 4.06 -4.54
CA SER A 157 8.64 4.39 -4.55
C SER A 157 9.52 3.20 -4.95
N GLN A 158 9.18 2.00 -4.47
CA GLN A 158 9.90 0.78 -4.80
C GLN A 158 9.69 0.40 -6.26
N ARG A 159 8.46 0.59 -6.78
CA ARG A 159 8.17 0.30 -8.19
C ARG A 159 8.90 1.27 -9.11
N GLN A 160 8.87 2.54 -8.78
CA GLN A 160 9.52 3.57 -9.58
C GLN A 160 11.03 3.39 -9.60
N ALA A 161 11.63 3.04 -8.45
CA ALA A 161 13.07 2.82 -8.39
C ALA A 161 13.46 1.56 -9.21
N THR A 162 12.59 0.53 -9.23
CA THR A 162 12.83 -0.66 -10.04
C THR A 162 12.76 -0.30 -11.54
N LYS A 163 11.81 0.56 -11.93
CA LYS A 163 11.68 1.03 -13.30
C LYS A 163 12.94 1.82 -13.69
N ASP A 164 13.40 2.73 -12.82
CA ASP A 164 14.62 3.52 -12.99
C ASP A 164 15.84 2.60 -13.17
N ALA A 165 15.93 1.50 -12.39
CA ALA A 165 17.00 0.52 -12.54
C ALA A 165 17.00 -0.05 -13.99
N GLY A 166 15.81 -0.31 -14.53
CA GLY A 166 15.63 -0.78 -15.90
C GLY A 166 16.14 0.23 -16.90
N ALA A 167 15.75 1.50 -16.74
CA ALA A 167 16.18 2.58 -17.63
C ALA A 167 17.70 2.75 -17.61
N ILE A 168 18.32 2.70 -16.41
CA ILE A 168 19.77 2.80 -16.28
C ILE A 168 20.46 1.62 -17.02
N ALA A 169 19.85 0.42 -16.98
CA ALA A 169 20.36 -0.77 -17.66
C ALA A 169 20.21 -0.73 -19.19
N GLY A 170 19.52 0.27 -19.72
CA GLY A 170 19.29 0.43 -21.15
C GLY A 170 18.03 -0.23 -21.65
N LEU A 171 17.10 -0.54 -20.75
CA LEU A 171 15.85 -1.20 -21.12
C LEU A 171 14.73 -0.17 -21.14
N ASN A 172 13.81 -0.36 -22.07
CA ASN A 172 12.59 0.41 -22.17
C ASN A 172 11.62 -0.49 -21.44
N VAL A 173 11.22 -0.08 -20.25
CA VAL A 173 10.34 -0.86 -19.41
C VAL A 173 8.90 -0.67 -19.87
N LEU A 174 8.37 -1.68 -20.54
CA LEU A 174 7.01 -1.64 -21.02
C LEU A 174 6.02 -1.57 -19.88
N ARG A 175 6.31 -2.28 -18.79
CA ARG A 175 5.43 -2.34 -17.65
C ARG A 175 6.13 -3.02 -16.48
N ILE A 176 5.76 -2.60 -15.26
CA ILE A 176 6.14 -3.23 -14.00
C ILE A 176 4.86 -4.01 -13.60
N ILE A 177 4.96 -5.33 -13.40
CA ILE A 177 3.80 -6.14 -13.03
C ILE A 177 4.09 -6.87 -11.73
N ASN A 178 3.05 -7.37 -11.05
CA ASN A 178 3.21 -8.09 -9.78
C ASN A 178 3.73 -9.52 -10.02
N GLU A 179 4.63 -9.98 -9.16
CA GLU A 179 5.19 -11.34 -9.22
C GLU A 179 4.09 -12.43 -9.14
N PRO A 180 3.14 -12.37 -8.19
CA PRO A 180 2.10 -13.41 -8.14
C PRO A 180 1.23 -13.44 -9.39
N THR A 181 0.92 -12.26 -9.96
CA THR A 181 0.17 -12.17 -11.19
C THR A 181 0.99 -12.78 -12.33
N ALA A 182 2.30 -12.51 -12.42
CA ALA A 182 3.15 -13.10 -13.45
C ALA A 182 3.15 -14.65 -13.38
N ALA A 183 3.20 -15.21 -12.17
CA ALA A 183 3.17 -16.66 -12.00
C ALA A 183 1.84 -17.23 -12.49
N ALA A 184 0.72 -16.55 -12.22
CA ALA A 184 -0.60 -16.99 -12.65
C ALA A 184 -0.72 -16.92 -14.17
N ILE A 185 -0.18 -15.85 -14.79
CA ILE A 185 -0.16 -15.68 -16.24
C ILE A 185 0.66 -16.82 -16.90
N ALA A 186 1.80 -17.24 -16.29
CA ALA A 186 2.63 -18.34 -16.78
C ALA A 186 1.81 -19.60 -16.99
N TYR A 187 0.88 -19.92 -16.06
CA TYR A 187 0.08 -21.13 -16.16
C TYR A 187 -1.18 -20.99 -17.03
N GLY A 188 -1.40 -19.82 -17.65
CA GLY A 188 -2.56 -19.57 -18.48
C GLY A 188 -3.86 -19.59 -17.70
N LEU A 189 -3.80 -19.29 -16.39
CA LEU A 189 -4.99 -19.30 -15.55
C LEU A 189 -5.93 -18.13 -15.88
N ASP A 190 -5.42 -17.07 -16.56
CA ASP A 190 -6.26 -15.99 -17.04
C ASP A 190 -7.07 -16.44 -18.26
N LYS A 191 -6.50 -17.29 -19.13
CA LYS A 191 -7.20 -17.74 -20.33
C LYS A 191 -8.08 -18.97 -20.12
N LYS A 192 -7.55 -20.04 -19.50
CA LYS A 192 -8.29 -21.30 -19.32
C LYS A 192 -9.54 -21.17 -18.44
N GLY A 193 -9.48 -20.28 -17.44
CA GLY A 193 -10.63 -20.04 -16.60
C GLY A 193 -11.58 -18.98 -17.14
N LYS A 194 -12.78 -19.38 -17.62
CA LYS A 194 -13.76 -18.40 -18.13
C LYS A 194 -14.53 -17.73 -16.98
N GLY A 195 -14.97 -18.54 -16.01
CA GLY A 195 -15.66 -18.05 -14.82
C GLY A 195 -14.69 -17.52 -13.77
N GLU A 196 -15.19 -17.18 -12.57
CA GLU A 196 -14.31 -16.65 -11.52
C GLU A 196 -13.41 -17.75 -10.99
N GLN A 197 -12.12 -17.44 -10.79
CA GLN A 197 -11.14 -18.39 -10.28
C GLN A 197 -10.38 -17.72 -9.15
N ASN A 198 -10.27 -18.41 -8.02
CA ASN A 198 -9.51 -17.97 -6.86
C ASN A 198 -8.16 -18.71 -6.92
N ILE A 199 -7.08 -17.95 -7.07
CA ILE A 199 -5.75 -18.52 -7.22
C ILE A 199 -4.86 -18.17 -6.03
N LEU A 200 -4.26 -19.16 -5.38
CA LEU A 200 -3.31 -18.90 -4.31
C LEU A 200 -1.88 -19.09 -4.82
N ILE A 201 -1.06 -18.04 -4.72
CA ILE A 201 0.33 -18.13 -5.13
C ILE A 201 1.15 -18.31 -3.85
N PHE A 202 1.88 -19.42 -3.74
CA PHE A 202 2.71 -19.75 -2.59
C PHE A 202 4.15 -19.62 -3.11
N ASP A 203 4.80 -18.51 -2.75
CA ASP A 203 6.12 -18.17 -3.23
C ASP A 203 7.16 -18.17 -2.12
N LEU A 204 7.99 -19.22 -2.05
CA LEU A 204 9.02 -19.31 -1.03
C LEU A 204 10.39 -19.35 -1.74
N GLY A 205 11.13 -18.23 -1.68
CA GLY A 205 12.41 -18.12 -2.35
C GLY A 205 13.60 -18.32 -1.44
N GLY A 206 14.66 -17.56 -1.69
CA GLY A 206 15.86 -17.66 -0.86
C GLY A 206 15.82 -16.81 0.38
N GLY A 207 15.13 -15.67 0.31
CA GLY A 207 15.06 -14.79 1.47
C GLY A 207 13.68 -14.45 1.93
N THR A 208 12.66 -14.56 1.05
CA THR A 208 11.32 -14.10 1.42
C THR A 208 10.24 -15.17 1.15
N PHE A 209 9.10 -14.99 1.79
CA PHE A 209 7.98 -15.86 1.63
C PHE A 209 6.77 -14.96 1.40
N ASP A 210 6.10 -15.12 0.25
CA ASP A 210 4.93 -14.35 -0.14
C ASP A 210 3.80 -15.24 -0.51
N VAL A 211 2.64 -15.02 0.10
CA VAL A 211 1.43 -15.71 -0.25
C VAL A 211 0.46 -14.64 -0.75
N SER A 212 -0.11 -14.86 -1.93
CA SER A 212 -1.04 -13.90 -2.52
C SER A 212 -2.26 -14.62 -3.00
N LEU A 213 -3.43 -14.09 -2.68
CA LEU A 213 -4.68 -14.65 -3.14
C LEU A 213 -5.21 -13.74 -4.26
N LEU A 214 -5.33 -14.27 -5.47
CA LEU A 214 -5.78 -13.54 -6.64
C LEU A 214 -7.15 -14.02 -7.06
N THR A 215 -7.88 -13.16 -7.73
CA THR A 215 -9.15 -13.52 -8.35
C THR A 215 -9.05 -13.16 -9.81
N LEU A 216 -9.55 -14.04 -10.66
CA LEU A 216 -9.49 -13.87 -12.10
C LEU A 216 -10.88 -13.97 -12.68
N GLU A 217 -11.47 -12.84 -13.07
CA GLU A 217 -12.76 -12.90 -13.78
C GLU A 217 -12.63 -12.13 -15.11
N ASP A 218 -12.81 -12.87 -16.23
CA ASP A 218 -12.75 -12.32 -17.60
C ASP A 218 -11.38 -11.76 -17.96
N GLY A 219 -10.34 -12.59 -17.79
CA GLY A 219 -8.95 -12.25 -18.09
C GLY A 219 -8.35 -11.14 -17.26
N ILE A 220 -9.02 -10.75 -16.19
CA ILE A 220 -8.56 -9.68 -15.32
C ILE A 220 -8.16 -10.25 -13.94
N PHE A 221 -6.90 -10.08 -13.56
CA PHE A 221 -6.43 -10.53 -12.25
C PHE A 221 -6.51 -9.40 -11.24
N GLU A 222 -6.98 -9.69 -10.03
CA GLU A 222 -6.99 -8.74 -8.93
C GLU A 222 -6.30 -9.43 -7.75
N VAL A 223 -5.41 -8.71 -7.06
CA VAL A 223 -4.78 -9.20 -5.84
C VAL A 223 -5.73 -8.90 -4.68
N LYS A 224 -6.41 -9.92 -4.15
CA LYS A 224 -7.39 -9.75 -3.08
C LYS A 224 -6.75 -9.63 -1.70
N ALA A 225 -5.69 -10.41 -1.43
CA ALA A 225 -5.05 -10.37 -0.13
C ALA A 225 -3.61 -10.89 -0.25
N THR A 226 -2.68 -10.34 0.53
CA THR A 226 -1.29 -10.80 0.53
C THR A 226 -0.83 -10.92 1.99
N SER A 227 0.08 -11.83 2.24
CA SER A 227 0.69 -12.02 3.53
C SER A 227 1.99 -12.80 3.30
N GLY A 228 2.74 -13.08 4.35
CA GLY A 228 3.97 -13.84 4.24
C GLY A 228 4.92 -13.47 5.33
N ASP A 229 6.22 -13.57 5.06
CA ASP A 229 7.26 -13.24 6.00
C ASP A 229 8.45 -12.82 5.17
N THR A 230 8.85 -11.54 5.25
CA THR A 230 9.98 -10.99 4.47
C THR A 230 11.33 -11.57 4.87
N HIS A 231 11.39 -12.39 5.95
CA HIS A 231 12.62 -13.01 6.41
C HIS A 231 12.52 -14.51 6.62
N LEU A 232 11.79 -15.17 5.74
CA LEU A 232 11.68 -16.62 5.78
C LEU A 232 11.92 -17.07 4.35
N GLY A 233 12.92 -17.90 4.17
CA GLY A 233 13.27 -18.43 2.86
C GLY A 233 14.26 -19.56 3.00
N GLY A 234 14.83 -19.97 1.88
CA GLY A 234 15.82 -21.03 1.86
C GLY A 234 17.02 -20.75 2.71
N GLU A 235 17.46 -19.46 2.83
CA GLU A 235 18.65 -19.11 3.64
C GLU A 235 18.44 -19.45 5.13
N ASP A 236 17.20 -19.43 5.60
CA ASP A 236 16.87 -19.79 6.97
C ASP A 236 16.92 -21.31 7.19
N PHE A 237 16.64 -22.11 6.14
CA PHE A 237 16.74 -23.57 6.23
C PHE A 237 18.22 -23.94 6.22
N ASP A 238 19.05 -23.25 5.40
CA ASP A 238 20.51 -23.42 5.38
C ASP A 238 21.07 -23.13 6.76
N ASN A 239 20.59 -22.05 7.44
CA ASN A 239 21.03 -21.64 8.79
C ASN A 239 20.70 -22.70 9.82
N LYS A 240 19.60 -23.44 9.65
CA LYS A 240 19.27 -24.55 10.56
C LYS A 240 20.32 -25.65 10.45
N LEU A 241 20.82 -25.91 9.25
CA LEU A 241 21.86 -26.90 9.01
C LEU A 241 23.19 -26.39 9.52
N VAL A 242 23.49 -25.08 9.31
CA VAL A 242 24.72 -24.44 9.83
C VAL A 242 24.78 -24.58 11.35
N ASN A 243 23.73 -24.13 12.07
CA ASN A 243 23.66 -24.22 13.54
C ASN A 243 23.86 -25.66 14.03
N PHE A 244 23.26 -26.65 13.34
CA PHE A 244 23.42 -28.04 13.73
C PHE A 244 24.89 -28.48 13.56
N CYS A 245 25.53 -28.14 12.43
CA CYS A 245 26.91 -28.51 12.11
C CYS A 245 27.88 -27.87 13.04
N VAL A 246 27.63 -26.61 13.46
CA VAL A 246 28.45 -25.88 14.41
C VAL A 246 28.48 -26.64 15.74
N GLN A 247 27.31 -27.13 16.19
CA GLN A 247 27.18 -27.90 17.43
C GLN A 247 27.78 -29.29 17.30
N ASP A 248 27.67 -29.88 16.10
CA ASP A 248 28.21 -31.21 15.81
C ASP A 248 29.74 -31.16 15.81
N PHE A 249 30.32 -30.07 15.26
CA PHE A 249 31.77 -29.87 15.25
C PHE A 249 32.28 -29.76 16.67
N LYS A 250 31.53 -29.03 17.55
CA LYS A 250 31.86 -28.87 18.97
C LYS A 250 31.95 -30.22 19.65
N LYS A 251 30.94 -31.10 19.49
CA LYS A 251 30.94 -32.44 20.10
C LYS A 251 32.04 -33.33 19.59
N LYS A 252 32.50 -33.12 18.35
CA LYS A 252 33.56 -33.94 17.75
C LYS A 252 34.98 -33.46 18.08
N ASN A 253 35.14 -32.14 18.21
CA ASN A 253 36.46 -31.53 18.37
C ASN A 253 36.60 -30.69 19.63
N GLY A 254 36.36 -31.33 20.78
CA GLY A 254 36.53 -30.78 22.12
C GLY A 254 36.03 -29.37 22.40
N GLY A 255 34.85 -29.03 21.87
CA GLY A 255 34.23 -27.75 22.12
C GLY A 255 34.67 -26.58 21.25
N LYS A 256 35.48 -26.87 20.20
CA LYS A 256 35.94 -25.83 19.29
C LYS A 256 34.75 -25.19 18.55
N ASP A 257 34.71 -23.87 18.50
CA ASP A 257 33.60 -23.10 17.97
C ASP A 257 33.87 -22.46 16.63
N VAL A 258 33.33 -23.06 15.56
CA VAL A 258 33.42 -22.61 14.17
C VAL A 258 32.81 -21.22 13.99
N SER A 259 31.76 -20.89 14.76
CA SER A 259 31.08 -19.60 14.62
C SER A 259 31.92 -18.38 14.98
N LYS A 260 33.06 -18.58 15.65
CA LYS A 260 33.96 -17.49 15.96
C LYS A 260 34.73 -17.01 14.68
N ASN A 261 34.77 -17.82 13.61
CA ASN A 261 35.43 -17.48 12.36
C ASN A 261 34.33 -17.33 11.28
N SER A 262 34.15 -16.10 10.78
CA SER A 262 33.12 -15.79 9.79
C SER A 262 33.36 -16.46 8.43
N LYS A 263 34.62 -16.66 8.06
CA LYS A 263 34.97 -17.34 6.81
C LYS A 263 34.60 -18.83 6.94
N SER A 264 34.83 -19.45 8.12
CA SER A 264 34.48 -20.84 8.36
C SER A 264 32.95 -21.01 8.24
N LEU A 265 32.18 -20.05 8.79
CA LEU A 265 30.73 -20.10 8.72
C LEU A 265 30.24 -20.00 7.28
N ARG A 266 30.83 -19.10 6.47
CA ARG A 266 30.43 -18.89 5.06
C ARG A 266 30.68 -20.14 4.25
N ARG A 267 31.84 -20.78 4.41
CA ARG A 267 32.16 -22.01 3.72
C ARG A 267 31.23 -23.14 4.13
N LEU A 268 30.87 -23.20 5.41
CA LEU A 268 29.94 -24.21 5.93
C LEU A 268 28.53 -23.98 5.36
N ARG A 269 28.12 -22.72 5.27
CA ARG A 269 26.82 -22.31 4.75
C ARG A 269 26.66 -22.74 3.28
N THR A 270 27.72 -22.53 2.47
CA THR A 270 27.75 -22.94 1.06
C THR A 270 27.49 -24.43 0.91
N GLN A 271 28.14 -25.26 1.72
CA GLN A 271 27.95 -26.71 1.68
C GLN A 271 26.62 -27.15 2.26
N CYS A 272 26.07 -26.37 3.21
CA CYS A 272 24.77 -26.68 3.81
C CYS A 272 23.68 -26.47 2.80
N GLU A 273 23.76 -25.39 2.01
CA GLU A 273 22.77 -25.13 0.98
C GLU A 273 22.81 -26.23 -0.11
N LYS A 274 24.03 -26.74 -0.48
CA LYS A 274 24.15 -27.79 -1.50
C LYS A 274 23.50 -29.06 -0.99
N ALA A 275 23.78 -29.48 0.25
CA ALA A 275 23.19 -30.67 0.83
C ALA A 275 21.66 -30.56 0.90
N LYS A 276 21.15 -29.39 1.27
CA LYS A 276 19.72 -29.11 1.30
C LYS A 276 19.06 -29.40 -0.07
N ARG A 277 19.68 -28.93 -1.15
CA ARG A 277 19.16 -29.19 -2.50
C ARG A 277 19.12 -30.67 -2.83
N VAL A 278 20.19 -31.42 -2.48
CA VAL A 278 20.29 -32.85 -2.67
C VAL A 278 19.15 -33.56 -1.95
N LEU A 279 18.84 -33.13 -0.72
CA LEU A 279 17.76 -33.69 0.10
C LEU A 279 16.36 -33.51 -0.50
N SER A 280 16.19 -32.67 -1.53
CA SER A 280 14.90 -32.52 -2.21
C SER A 280 14.63 -33.71 -3.16
N SER A 281 15.68 -34.48 -3.54
CA SER A 281 15.50 -35.63 -4.41
C SER A 281 16.18 -36.91 -3.86
N SER A 282 16.92 -36.83 -2.73
CA SER A 282 17.53 -38.01 -2.12
C SER A 282 17.14 -38.09 -0.63
N ALA A 283 17.27 -39.28 -0.03
CA ALA A 283 16.93 -39.45 1.39
C ALA A 283 18.05 -39.01 2.32
N GLN A 284 19.27 -38.79 1.81
CA GLN A 284 20.47 -38.45 2.56
C GLN A 284 21.39 -37.55 1.76
N ALA A 285 22.29 -36.86 2.46
CA ALA A 285 23.28 -35.99 1.84
C ALA A 285 24.47 -35.84 2.77
N THR A 286 25.65 -35.56 2.22
CA THR A 286 26.84 -35.34 3.02
C THR A 286 27.22 -33.86 3.01
N ILE A 287 27.53 -33.31 4.18
CA ILE A 287 28.03 -31.94 4.29
C ILE A 287 29.50 -32.13 4.60
N GLU A 288 30.38 -31.65 3.72
CA GLU A 288 31.81 -31.81 3.90
C GLU A 288 32.56 -30.49 3.66
N VAL A 289 33.42 -30.09 4.61
CA VAL A 289 34.26 -28.91 4.46
C VAL A 289 35.65 -29.29 4.88
N ASP A 290 36.60 -29.32 3.94
CA ASP A 290 37.98 -29.66 4.26
C ASP A 290 38.61 -28.43 4.92
N SER A 291 39.38 -28.65 6.01
CA SER A 291 40.06 -27.59 6.77
C SER A 291 39.10 -26.44 7.11
N LEU A 292 38.00 -26.78 7.78
CA LEU A 292 36.93 -25.86 8.13
C LEU A 292 37.38 -24.81 9.13
N PHE A 293 37.94 -25.26 10.26
CA PHE A 293 38.37 -24.43 11.36
C PHE A 293 39.55 -25.12 12.03
N ASP A 294 40.64 -24.36 12.26
CA ASP A 294 41.85 -24.87 12.90
C ASP A 294 42.46 -26.03 12.12
N GLY A 295 42.37 -25.98 10.77
CA GLY A 295 42.87 -27.02 9.90
C GLY A 295 42.17 -28.37 10.06
N ILE A 296 41.00 -28.39 10.73
CA ILE A 296 40.27 -29.62 10.96
C ILE A 296 39.23 -29.84 9.88
N ASP A 297 39.24 -31.05 9.29
CA ASP A 297 38.27 -31.41 8.27
C ASP A 297 36.92 -31.70 8.95
N TYR A 298 35.83 -31.35 8.29
CA TYR A 298 34.50 -31.61 8.81
C TYR A 298 33.69 -32.42 7.81
N ASN A 299 32.97 -33.42 8.32
CA ASN A 299 32.12 -34.31 7.53
C ASN A 299 30.94 -34.74 8.39
N VAL A 300 29.72 -34.74 7.82
CA VAL A 300 28.52 -35.23 8.50
C VAL A 300 27.50 -35.71 7.47
N ASN A 301 26.69 -36.71 7.83
CA ASN A 301 25.63 -37.19 6.95
C ASN A 301 24.30 -36.71 7.52
N ILE A 302 23.48 -36.08 6.68
CA ILE A 302 22.17 -35.55 7.07
C ILE A 302 21.08 -36.30 6.31
N THR A 303 20.17 -36.94 7.02
CA THR A 303 19.02 -37.60 6.39
C THR A 303 17.95 -36.53 6.15
N ARG A 304 17.05 -36.77 5.20
CA ARG A 304 15.93 -35.88 4.91
C ARG A 304 15.06 -35.71 6.17
N ALA A 305 14.90 -36.79 6.96
CA ALA A 305 14.17 -36.76 8.23
C ALA A 305 14.80 -35.78 9.23
N LYS A 306 16.14 -35.75 9.35
CA LYS A 306 16.83 -34.82 10.26
C LYS A 306 16.67 -33.37 9.80
N PHE A 307 16.75 -33.13 8.49
CA PHE A 307 16.56 -31.79 7.92
C PHE A 307 15.12 -31.32 8.19
N GLU A 308 14.15 -32.21 8.01
CA GLU A 308 12.74 -31.94 8.26
C GLU A 308 12.49 -31.64 9.74
N GLU A 309 13.22 -32.30 10.64
CA GLU A 309 13.11 -32.12 12.07
C GLU A 309 13.66 -30.74 12.46
N LEU A 310 14.85 -30.38 11.97
CA LEU A 310 15.46 -29.08 12.27
C LEU A 310 14.60 -27.93 11.78
N CYS A 311 13.88 -28.11 10.67
CA CYS A 311 13.06 -27.08 10.02
C CYS A 311 11.57 -27.20 10.25
N MET A 312 11.13 -28.18 11.05
CA MET A 312 9.75 -28.54 11.32
C MET A 312 8.83 -27.36 11.59
N ASP A 313 9.21 -26.46 12.49
CA ASP A 313 8.40 -25.30 12.86
C ASP A 313 8.33 -24.30 11.71
N GLN A 314 9.46 -24.03 11.07
CA GLN A 314 9.51 -23.10 9.95
C GLN A 314 8.69 -23.57 8.77
N PHE A 315 8.69 -24.86 8.49
CA PHE A 315 7.93 -25.45 7.39
C PHE A 315 6.43 -25.35 7.67
N ARG A 316 6.00 -25.80 8.86
CA ARG A 316 4.61 -25.77 9.29
C ARG A 316 4.08 -24.33 9.35
N ASN A 317 4.89 -23.37 9.81
CA ASN A 317 4.48 -21.98 9.90
C ASN A 317 4.25 -21.30 8.56
N THR A 318 4.64 -21.95 7.44
CA THR A 318 4.33 -21.38 6.11
C THR A 318 2.82 -21.38 5.88
N LEU A 319 2.06 -22.24 6.59
CA LEU A 319 0.61 -22.30 6.47
C LEU A 319 -0.08 -21.13 7.16
N ILE A 320 0.59 -20.45 8.13
CA ILE A 320 -0.02 -19.33 8.85
C ILE A 320 -0.37 -18.17 7.90
N PRO A 321 0.55 -17.68 7.03
CA PRO A 321 0.17 -16.66 6.05
C PRO A 321 -0.85 -17.16 5.01
N VAL A 322 -0.94 -18.48 4.76
CA VAL A 322 -1.96 -19.03 3.88
C VAL A 322 -3.35 -18.81 4.55
N GLU A 323 -3.45 -19.15 5.84
CA GLU A 323 -4.69 -18.97 6.61
C GLU A 323 -5.04 -17.51 6.70
N LYS A 324 -4.02 -16.65 6.89
CA LYS A 324 -4.24 -15.21 6.97
C LYS A 324 -4.84 -14.63 5.70
N VAL A 325 -4.31 -14.94 4.48
CA VAL A 325 -4.86 -14.38 3.25
C VAL A 325 -6.29 -14.85 3.01
N LEU A 326 -6.59 -16.10 3.36
CA LEU A 326 -7.93 -16.64 3.17
C LEU A 326 -8.90 -15.90 4.08
N LYS A 327 -8.50 -15.68 5.35
CA LYS A 327 -9.27 -14.93 6.33
C LYS A 327 -9.50 -13.48 5.84
N ASP A 328 -8.42 -12.76 5.42
CA ASP A 328 -8.55 -11.38 4.91
C ASP A 328 -9.48 -11.33 3.71
N ALA A 329 -9.37 -12.29 2.78
CA ALA A 329 -10.24 -12.31 1.60
C ALA A 329 -11.63 -12.85 1.89
N LYS A 330 -11.92 -13.24 3.14
CA LYS A 330 -13.20 -13.81 3.54
C LYS A 330 -13.55 -15.02 2.68
N MET A 331 -12.63 -16.00 2.58
CA MET A 331 -12.93 -17.19 1.80
C MET A 331 -12.34 -18.44 2.43
N ASP A 332 -13.00 -19.57 2.16
CA ASP A 332 -12.63 -20.88 2.66
C ASP A 332 -11.55 -21.48 1.75
N LYS A 333 -10.67 -22.33 2.30
CA LYS A 333 -9.62 -22.98 1.52
C LYS A 333 -10.19 -23.86 0.39
N SER A 334 -11.43 -24.37 0.57
CA SER A 334 -12.13 -25.17 -0.45
C SER A 334 -12.46 -24.33 -1.70
N GLN A 335 -12.49 -22.99 -1.58
CA GLN A 335 -12.78 -22.09 -2.69
C GLN A 335 -11.58 -21.76 -3.57
N VAL A 336 -10.38 -22.24 -3.21
CA VAL A 336 -9.20 -22.00 -4.01
C VAL A 336 -9.18 -23.04 -5.17
N HIS A 337 -9.18 -22.53 -6.42
CA HIS A 337 -9.18 -23.32 -7.64
C HIS A 337 -7.80 -23.84 -8.00
N GLU A 338 -6.76 -23.01 -7.81
CA GLU A 338 -5.38 -23.42 -8.10
C GLU A 338 -4.42 -22.91 -7.06
N ILE A 339 -3.44 -23.73 -6.66
CA ILE A 339 -2.35 -23.36 -5.77
C ILE A 339 -1.09 -23.41 -6.62
N VAL A 340 -0.45 -22.27 -6.86
CA VAL A 340 0.77 -22.25 -7.69
C VAL A 340 2.03 -22.19 -6.80
N LEU A 341 2.95 -23.14 -6.99
CA LEU A 341 4.22 -23.15 -6.26
C LEU A 341 5.26 -22.37 -7.03
N VAL A 342 5.74 -21.26 -6.40
CA VAL A 342 6.77 -20.35 -6.95
C VAL A 342 7.96 -20.31 -5.95
N GLY A 343 9.17 -20.03 -6.42
CA GLY A 343 10.37 -19.88 -5.61
C GLY A 343 11.09 -21.20 -5.44
N GLY A 344 12.42 -21.16 -5.47
CA GLY A 344 13.22 -22.38 -5.40
C GLY A 344 12.98 -23.29 -4.19
N SER A 345 12.56 -22.73 -3.04
CA SER A 345 12.33 -23.55 -1.85
C SER A 345 11.09 -24.42 -1.95
N THR A 346 10.17 -24.16 -2.87
CA THR A 346 8.99 -25.02 -3.03
C THR A 346 9.34 -26.41 -3.60
N ARG A 347 10.63 -26.65 -3.96
CA ARG A 347 11.09 -27.97 -4.37
C ARG A 347 11.21 -28.93 -3.16
N ILE A 348 11.19 -28.41 -1.92
CA ILE A 348 11.32 -29.23 -0.71
C ILE A 348 10.09 -30.11 -0.58
N PRO A 349 10.26 -31.44 -0.64
CA PRO A 349 9.09 -32.32 -0.56
C PRO A 349 8.14 -32.09 0.62
N LYS A 350 8.68 -31.83 1.81
CA LYS A 350 7.88 -31.59 3.03
C LYS A 350 6.97 -30.38 2.87
N ILE A 351 7.46 -29.34 2.21
CA ILE A 351 6.67 -28.14 1.97
C ILE A 351 5.53 -28.45 1.04
N GLN A 352 5.79 -29.20 -0.05
CA GLN A 352 4.76 -29.61 -1.00
C GLN A 352 3.69 -30.45 -0.30
N GLN A 353 4.10 -31.37 0.58
CA GLN A 353 3.17 -32.23 1.31
C GLN A 353 2.31 -31.41 2.29
N LEU A 354 2.92 -30.48 3.04
CA LEU A 354 2.19 -29.62 3.97
C LEU A 354 1.08 -28.80 3.28
N ILE A 355 1.40 -28.21 2.10
CA ILE A 355 0.46 -27.40 1.32
C ILE A 355 -0.69 -28.29 0.78
N LYS A 356 -0.34 -29.46 0.23
CA LYS A 356 -1.30 -30.40 -0.32
C LYS A 356 -2.27 -30.86 0.76
N ASP A 357 -1.76 -31.22 1.94
CA ASP A 357 -2.58 -31.65 3.06
C ASP A 357 -3.47 -30.50 3.55
N PHE A 358 -2.94 -29.27 3.63
CA PHE A 358 -3.74 -28.11 4.02
C PHE A 358 -4.93 -27.93 3.06
N PHE A 359 -4.69 -28.10 1.76
CA PHE A 359 -5.73 -27.96 0.74
C PHE A 359 -6.47 -29.29 0.45
N ASN A 360 -6.51 -30.19 1.44
CA ASN A 360 -7.28 -31.42 1.40
C ASN A 360 -6.96 -32.31 0.20
N GLY A 361 -5.69 -32.47 -0.09
CA GLY A 361 -5.28 -33.35 -1.17
C GLY A 361 -5.20 -32.75 -2.56
N LYS A 362 -5.51 -31.47 -2.69
CA LYS A 362 -5.46 -30.79 -3.97
C LYS A 362 -4.02 -30.67 -4.43
N GLU A 363 -3.74 -31.12 -5.65
CA GLU A 363 -2.39 -31.05 -6.20
C GLU A 363 -2.06 -29.63 -6.61
N PRO A 364 -0.93 -29.10 -6.14
CA PRO A 364 -0.54 -27.74 -6.57
C PRO A 364 -0.01 -27.72 -8.00
N LYS A 366 2.78 -27.07 -10.26
CA LYS A 366 4.23 -26.97 -10.12
C LYS A 366 4.95 -27.44 -11.39
N ALA A 367 4.27 -27.55 -12.54
CA ALA A 367 4.87 -28.03 -13.79
C ALA A 367 5.97 -27.11 -14.28
N ILE A 368 5.84 -25.78 -14.04
CA ILE A 368 6.91 -24.86 -14.42
C ILE A 368 7.95 -24.83 -13.29
N ASN A 369 9.27 -24.95 -13.60
CA ASN A 369 10.39 -24.83 -12.62
C ASN A 369 10.08 -23.62 -11.73
N PRO A 370 9.86 -23.85 -10.43
CA PRO A 370 9.29 -22.78 -9.57
C PRO A 370 10.07 -21.48 -9.50
N ASP A 371 11.39 -21.57 -9.67
CA ASP A 371 12.23 -20.38 -9.72
C ASP A 371 12.24 -19.69 -11.11
N GLU A 372 11.42 -20.21 -12.09
CA GLU A 372 11.27 -19.67 -13.44
C GLU A 372 9.88 -19.15 -13.77
N ALA A 373 8.87 -19.50 -12.96
CA ALA A 373 7.49 -19.16 -13.29
C ALA A 373 7.22 -17.65 -13.39
N VAL A 374 7.85 -16.83 -12.56
CA VAL A 374 7.66 -15.39 -12.62
C VAL A 374 8.26 -14.80 -13.91
N ALA A 375 9.50 -15.17 -14.29
CA ALA A 375 10.08 -14.70 -15.54
C ALA A 375 9.26 -15.20 -16.73
N TYR A 376 8.75 -16.44 -16.65
CA TYR A 376 7.95 -17.08 -17.69
C TYR A 376 6.69 -16.19 -17.95
N GLY A 377 5.98 -15.83 -16.90
CA GLY A 377 4.80 -14.99 -16.99
C GLY A 377 5.11 -13.57 -17.45
N ALA A 378 6.22 -13.01 -17.02
CA ALA A 378 6.65 -11.67 -17.44
C ALA A 378 6.98 -11.69 -18.92
N ALA A 379 7.57 -12.80 -19.44
CA ALA A 379 7.92 -12.95 -20.84
C ALA A 379 6.65 -13.01 -21.68
N VAL A 380 5.60 -13.71 -21.19
CA VAL A 380 4.30 -13.81 -21.86
C VAL A 380 3.71 -12.37 -21.95
N GLN A 381 3.69 -11.66 -20.83
CA GLN A 381 3.15 -10.31 -20.78
C GLN A 381 3.93 -9.36 -21.69
N ALA A 382 5.27 -9.51 -21.77
CA ALA A 382 6.10 -8.68 -22.65
C ALA A 382 5.76 -8.89 -24.12
N ALA A 383 5.45 -10.13 -24.49
CA ALA A 383 5.09 -10.48 -25.86
C ALA A 383 3.73 -9.87 -26.19
N ILE A 384 2.75 -10.00 -25.27
CA ILE A 384 1.42 -9.40 -25.43
C ILE A 384 1.53 -7.89 -25.60
N LEU A 385 2.25 -7.20 -24.72
CA LEU A 385 2.46 -5.75 -24.84
C LEU A 385 3.26 -5.31 -26.08
N SER A 386 3.89 -6.25 -26.76
CA SER A 386 4.60 -5.96 -28.02
C SER A 386 3.71 -6.21 -29.25
N GLY A 387 2.45 -6.65 -29.06
CA GLY A 387 1.54 -6.94 -30.15
C GLY A 387 1.51 -8.38 -30.62
N ASP A 388 2.19 -9.29 -29.93
CA ASP A 388 2.20 -10.70 -30.29
C ASP A 388 1.12 -11.47 -29.52
N GLN A 389 0.06 -11.89 -30.20
CA GLN A 389 -1.05 -12.61 -29.57
C GLN A 389 -0.90 -14.16 -29.61
N SER A 390 0.28 -14.70 -30.00
CA SER A 390 0.52 -16.14 -30.17
C SER A 390 0.40 -16.99 -28.88
N SER A 391 0.68 -16.43 -27.71
CA SER A 391 0.56 -17.18 -26.44
C SER A 391 -0.92 -17.44 -26.06
N ALA A 392 -1.84 -16.54 -26.51
CA ALA A 392 -3.29 -16.59 -26.30
C ALA A 392 -3.99 -17.51 -27.32
N GLU B 7 4.62 15.01 -16.56
CA GLU B 7 3.73 13.91 -16.94
C GLU B 7 2.86 13.47 -15.76
N VAL B 8 3.45 13.34 -14.54
CA VAL B 8 2.74 12.86 -13.36
C VAL B 8 1.58 13.73 -12.96
N ALA B 9 0.38 13.16 -12.94
CA ALA B 9 -0.82 13.87 -12.51
C ALA B 9 -1.26 13.31 -11.14
N ILE B 10 -1.90 14.15 -10.34
CA ILE B 10 -2.35 13.77 -9.02
C ILE B 10 -3.88 13.83 -8.92
N GLY B 11 -4.43 13.10 -7.97
CA GLY B 11 -5.85 13.15 -7.67
C GLY B 11 -5.99 13.76 -6.30
N ILE B 12 -6.89 14.74 -6.16
CA ILE B 12 -7.10 15.41 -4.89
C ILE B 12 -8.55 15.34 -4.46
N ASP B 13 -8.78 14.79 -3.27
CA ASP B 13 -10.06 14.84 -2.62
C ASP B 13 -10.00 16.13 -1.80
N LEU B 14 -10.72 17.18 -2.22
CA LEU B 14 -10.78 18.46 -1.51
C LEU B 14 -12.00 18.33 -0.60
N GLY B 15 -11.79 17.80 0.60
CA GLY B 15 -12.85 17.50 1.54
C GLY B 15 -13.31 18.65 2.38
N THR B 16 -14.50 18.51 3.01
CA THR B 16 -15.05 19.55 3.86
C THR B 16 -14.16 19.76 5.07
N THR B 17 -13.77 18.66 5.74
CA THR B 17 -12.92 18.76 6.92
C THR B 17 -11.48 18.28 6.65
N TYR B 18 -11.27 17.24 5.81
CA TYR B 18 -9.94 16.72 5.46
C TYR B 18 -9.79 16.58 3.96
N SER B 19 -8.57 16.85 3.47
CA SER B 19 -8.21 16.69 2.07
C SER B 19 -7.15 15.57 1.94
N CYS B 20 -7.08 14.94 0.78
CA CYS B 20 -6.20 13.81 0.58
C CYS B 20 -5.64 13.86 -0.85
N VAL B 21 -4.37 13.52 -1.04
CA VAL B 21 -3.76 13.52 -2.37
C VAL B 21 -3.14 12.16 -2.70
N GLY B 22 -3.37 11.69 -3.91
CA GLY B 22 -2.80 10.42 -4.35
C GLY B 22 -2.19 10.52 -5.73
N ILE B 23 -1.36 9.53 -6.09
CA ILE B 23 -0.81 9.37 -7.42
C ILE B 23 -1.00 7.91 -7.85
N CYS B 24 -1.32 7.69 -9.14
CA CYS B 24 -1.45 6.33 -9.68
C CYS B 24 -0.32 6.16 -10.68
N ARG B 25 0.42 5.07 -10.57
CA ARG B 25 1.60 4.87 -11.38
C ARG B 25 2.03 3.44 -11.23
N ASN B 26 2.41 2.78 -12.34
CA ASN B 26 2.88 1.41 -12.30
C ASN B 26 1.89 0.44 -11.69
N GLY B 27 0.62 0.69 -11.90
CA GLY B 27 -0.44 -0.18 -11.41
C GLY B 27 -0.84 0.05 -9.98
N VAL B 28 -0.15 0.97 -9.24
CA VAL B 28 -0.52 1.18 -7.84
C VAL B 28 -0.83 2.63 -7.54
N VAL B 29 -1.70 2.84 -6.55
CA VAL B 29 -2.04 4.16 -6.07
C VAL B 29 -1.32 4.39 -4.76
N ASP B 30 -0.58 5.47 -4.69
CA ASP B 30 0.05 5.89 -3.47
C ASP B 30 -0.74 7.07 -2.91
N ILE B 31 -1.19 6.95 -1.68
CA ILE B 31 -1.80 8.10 -0.97
C ILE B 31 -0.64 8.75 -0.24
N ILE B 32 -0.33 10.00 -0.55
CA ILE B 32 0.88 10.65 -0.05
C ILE B 32 0.71 11.34 1.33
N ALA B 33 1.55 10.94 2.29
CA ALA B 33 1.58 11.50 3.63
C ALA B 33 2.19 12.92 3.58
N ASN B 34 1.71 13.80 4.45
CA ASN B 34 2.20 15.17 4.53
C ASN B 34 3.44 15.25 5.48
N ASP B 35 3.89 16.50 5.82
CA ASP B 35 5.05 16.77 6.72
C ASP B 35 4.97 16.06 8.04
N GLN B 36 3.77 15.88 8.60
CA GLN B 36 3.61 15.24 9.92
C GLN B 36 3.40 13.72 9.83
N GLY B 37 3.49 13.14 8.62
CA GLY B 37 3.21 11.74 8.37
C GLY B 37 1.73 11.43 8.27
N ASN B 38 0.87 12.45 8.11
CA ASN B 38 -0.58 12.23 8.02
C ASN B 38 -1.02 12.04 6.57
N ARG B 39 -1.82 10.98 6.32
CA ARG B 39 -2.29 10.60 4.98
C ARG B 39 -3.46 11.44 4.47
N THR B 40 -4.07 12.25 5.37
CA THR B 40 -5.09 13.25 5.10
C THR B 40 -4.65 14.54 5.84
N THR B 41 -5.08 15.70 5.34
CA THR B 41 -4.68 16.99 5.85
C THR B 41 -5.91 17.81 6.09
N PRO B 42 -6.08 18.39 7.30
CA PRO B 42 -7.26 19.24 7.54
C PRO B 42 -7.42 20.37 6.50
N SER B 43 -8.65 20.61 6.05
CA SER B 43 -8.97 21.67 5.09
C SER B 43 -9.14 22.99 5.91
N TYR B 44 -8.07 23.39 6.60
CA TYR B 44 -8.03 24.55 7.48
C TYR B 44 -6.95 25.52 7.01
N VAL B 45 -7.22 26.82 7.13
CA VAL B 45 -6.29 27.89 6.83
C VAL B 45 -6.37 28.90 7.98
N ALA B 46 -5.25 29.21 8.63
CA ALA B 46 -5.23 30.16 9.73
C ALA B 46 -4.28 31.31 9.46
N PHE B 47 -4.61 32.48 10.00
CA PHE B 47 -3.82 33.69 9.84
C PHE B 47 -3.47 34.18 11.24
N THR B 48 -2.18 34.46 11.50
CA THR B 48 -1.70 34.92 12.82
C THR B 48 -1.00 36.31 12.63
N ASP B 49 -0.38 36.85 13.69
CA ASP B 49 0.38 38.08 13.60
C ASP B 49 1.64 37.89 12.70
N THR B 50 2.13 36.64 12.52
CA THR B 50 3.34 36.41 11.74
C THR B 50 3.18 35.53 10.50
N GLU B 51 2.27 34.55 10.53
CA GLU B 51 2.22 33.60 9.42
C GLU B 51 0.83 33.11 8.99
N ARG B 52 0.79 32.48 7.82
CA ARG B 52 -0.37 31.86 7.24
C ARG B 52 -0.13 30.35 7.35
N LEU B 53 -0.93 29.65 8.15
CA LEU B 53 -0.80 28.22 8.41
C LEU B 53 -1.88 27.45 7.61
N ILE B 54 -1.52 26.29 7.06
CA ILE B 54 -2.44 25.46 6.30
C ILE B 54 -2.33 24.01 6.77
N GLY B 55 -3.47 23.34 6.93
CA GLY B 55 -3.49 21.94 7.32
C GLY B 55 -3.40 21.71 8.79
N ASP B 56 -2.55 20.75 9.19
CA ASP B 56 -2.36 20.37 10.59
C ASP B 56 -2.01 21.55 11.49
N ALA B 57 -1.07 22.40 11.07
CA ALA B 57 -0.66 23.55 11.87
C ALA B 57 -1.82 24.52 12.08
N ALA B 58 -2.69 24.69 11.10
CA ALA B 58 -3.86 25.56 11.22
C ALA B 58 -4.90 24.93 12.16
N LYS B 59 -5.20 23.63 12.00
CA LYS B 59 -6.18 22.98 12.89
C LYS B 59 -5.66 22.94 14.34
N ASN B 60 -4.35 22.76 14.53
CA ASN B 60 -3.76 22.63 15.85
C ASN B 60 -3.87 23.92 16.70
N GLN B 61 -3.88 25.11 16.06
CA GLN B 61 -4.05 26.35 16.82
C GLN B 61 -5.47 26.94 16.70
N ALA B 62 -6.46 26.17 16.19
CA ALA B 62 -7.82 26.69 16.01
C ALA B 62 -8.47 27.16 17.29
N SER B 63 -8.30 26.42 18.40
CA SER B 63 -8.93 26.79 19.67
C SER B 63 -8.31 28.05 20.29
N ARG B 64 -7.03 28.35 19.97
CA ARG B 64 -6.34 29.54 20.46
C ARG B 64 -6.59 30.77 19.57
N ASN B 65 -6.95 30.56 18.29
CA ASN B 65 -7.14 31.66 17.35
C ASN B 65 -8.44 31.42 16.53
N PRO B 66 -9.61 31.28 17.20
CA PRO B 66 -10.83 30.92 16.49
C PRO B 66 -11.29 31.89 15.42
N GLU B 67 -11.12 33.19 15.66
CA GLU B 67 -11.59 34.22 14.75
C GLU B 67 -10.87 34.23 13.42
N ASN B 68 -9.59 33.83 13.40
CA ASN B 68 -8.73 33.85 12.22
C ASN B 68 -8.35 32.46 11.68
N THR B 69 -9.10 31.43 12.09
CA THR B 69 -8.89 30.09 11.59
C THR B 69 -10.10 29.72 10.78
N VAL B 70 -9.91 29.53 9.47
CA VAL B 70 -10.96 29.25 8.53
C VAL B 70 -11.02 27.77 8.19
N PHE B 71 -12.24 27.22 8.16
CA PHE B 71 -12.55 25.86 7.79
C PHE B 71 -13.95 25.90 7.13
N ASP B 72 -14.46 24.77 6.61
CA ASP B 72 -15.78 24.71 5.96
C ASP B 72 -15.95 25.61 4.73
N ALA B 73 -14.84 26.03 4.09
CA ALA B 73 -14.95 26.86 2.89
C ALA B 73 -15.71 26.11 1.77
N LYS B 74 -15.73 24.75 1.80
CA LYS B 74 -16.48 23.94 0.86
C LYS B 74 -18.01 24.19 0.96
N ARG B 75 -18.49 24.59 2.16
CA ARG B 75 -19.89 24.94 2.34
C ARG B 75 -20.21 26.29 1.69
N LEU B 76 -19.20 27.12 1.39
CA LEU B 76 -19.40 28.43 0.80
C LEU B 76 -19.02 28.51 -0.66
N ILE B 77 -18.12 27.62 -1.13
CA ILE B 77 -17.56 27.71 -2.48
C ILE B 77 -18.64 27.67 -3.56
N GLY B 78 -18.61 28.67 -4.45
CA GLY B 78 -19.58 28.77 -5.53
C GLY B 78 -20.98 29.19 -5.13
N ARG B 79 -21.16 29.64 -3.88
CA ARG B 79 -22.47 30.08 -3.41
C ARG B 79 -22.57 31.58 -3.34
N LYS B 80 -23.79 32.12 -3.45
CA LYS B 80 -24.06 33.52 -3.22
C LYS B 80 -24.25 33.63 -1.71
N PHE B 81 -23.78 34.73 -1.11
CA PHE B 81 -23.89 34.97 0.31
C PHE B 81 -25.34 34.94 0.79
N SER B 82 -26.28 35.39 -0.08
CA SER B 82 -27.70 35.44 0.26
C SER B 82 -28.40 34.07 0.32
N GLU B 83 -27.76 32.99 -0.17
CA GLU B 83 -28.36 31.65 -0.15
C GLU B 83 -28.73 31.24 1.27
N THR B 84 -29.85 30.55 1.44
CA THR B 84 -30.31 30.15 2.78
C THR B 84 -29.31 29.21 3.47
N THR B 85 -28.59 28.38 2.71
CA THR B 85 -27.60 27.49 3.30
C THR B 85 -26.46 28.31 3.94
N VAL B 86 -26.01 29.40 3.29
CA VAL B 86 -24.95 30.27 3.80
C VAL B 86 -25.39 31.01 5.07
N GLN B 87 -26.59 31.57 5.05
CA GLN B 87 -27.17 32.31 6.17
C GLN B 87 -27.31 31.43 7.42
N SER B 88 -27.63 30.16 7.21
CA SER B 88 -27.81 29.20 8.27
C SER B 88 -26.48 28.67 8.76
N ASP B 89 -25.58 28.27 7.84
CA ASP B 89 -24.27 27.71 8.17
C ASP B 89 -23.38 28.66 8.95
N MET B 90 -23.40 29.95 8.61
CA MET B 90 -22.49 30.94 9.19
C MET B 90 -22.65 31.17 10.69
N LYS B 91 -23.80 30.79 11.23
CA LYS B 91 -24.06 30.88 12.67
C LYS B 91 -23.14 29.93 13.46
N HIS B 92 -22.69 28.83 12.85
CA HIS B 92 -21.84 27.84 13.49
C HIS B 92 -20.34 28.09 13.34
N TRP B 93 -19.94 29.19 12.70
CA TRP B 93 -18.53 29.47 12.47
C TRP B 93 -18.05 30.60 13.34
N PRO B 94 -16.86 30.44 13.96
CA PRO B 94 -16.32 31.55 14.78
C PRO B 94 -15.72 32.68 13.94
N PHE B 95 -15.45 32.43 12.65
CA PHE B 95 -14.90 33.45 11.76
C PHE B 95 -16.04 34.24 11.10
N THR B 96 -15.74 35.47 10.66
CA THR B 96 -16.71 36.34 10.04
C THR B 96 -16.84 36.14 8.53
N VAL B 97 -18.08 36.07 8.04
CA VAL B 97 -18.38 35.98 6.62
C VAL B 97 -19.40 37.08 6.29
N LYS B 98 -19.10 37.90 5.28
CA LYS B 98 -19.97 39.00 4.84
C LYS B 98 -20.17 38.90 3.32
N GLY B 99 -21.15 39.60 2.79
CA GLY B 99 -21.42 39.59 1.36
C GLY B 99 -20.77 40.74 0.63
N GLY B 100 -20.15 40.44 -0.49
CA GLY B 100 -19.52 41.43 -1.36
C GLY B 100 -20.54 42.06 -2.27
N SER B 101 -20.16 43.13 -3.01
CA SER B 101 -21.12 43.80 -3.91
C SER B 101 -21.59 42.90 -5.06
N ASP B 102 -20.76 41.92 -5.44
CA ASP B 102 -21.09 40.90 -6.44
C ASP B 102 -21.90 39.71 -5.84
N GLY B 103 -22.27 39.80 -4.55
CA GLY B 103 -23.01 38.75 -3.86
C GLY B 103 -22.16 37.55 -3.43
N LYS B 104 -20.84 37.60 -3.64
CA LYS B 104 -19.97 36.50 -3.26
C LYS B 104 -19.61 36.62 -1.78
N PRO B 105 -19.50 35.47 -1.07
CA PRO B 105 -19.06 35.51 0.33
C PRO B 105 -17.61 35.99 0.42
N MET B 106 -17.33 36.78 1.45
CA MET B 106 -16.01 37.30 1.77
C MET B 106 -15.72 36.85 3.21
N ILE B 107 -14.70 36.05 3.40
CA ILE B 107 -14.28 35.59 4.70
C ILE B 107 -13.31 36.61 5.24
N GLU B 108 -13.61 37.19 6.41
CA GLU B 108 -12.80 38.24 7.02
C GLU B 108 -11.97 37.73 8.17
N VAL B 109 -10.67 37.97 8.10
CA VAL B 109 -9.72 37.58 9.14
C VAL B 109 -8.73 38.76 9.40
N SER B 110 -7.92 38.64 10.43
CA SER B 110 -6.83 39.53 10.70
C SER B 110 -5.54 38.73 10.40
N TYR B 111 -4.64 39.32 9.62
CA TYR B 111 -3.38 38.70 9.24
C TYR B 111 -2.26 39.75 9.34
N GLN B 112 -1.29 39.52 10.25
CA GLN B 112 -0.19 40.46 10.47
C GLN B 112 -0.71 41.86 10.90
N GLY B 113 -1.74 41.87 11.75
CA GLY B 113 -2.33 43.09 12.27
C GLY B 113 -3.17 43.88 11.28
N GLU B 114 -3.56 43.25 10.17
CA GLU B 114 -4.36 43.91 9.16
C GLU B 114 -5.62 43.11 8.81
N LYS B 115 -6.75 43.81 8.56
CA LYS B 115 -7.97 43.13 8.14
C LYS B 115 -7.83 42.67 6.66
N LYS B 116 -8.04 41.37 6.41
CA LYS B 116 -7.98 40.74 5.09
C LYS B 116 -9.30 40.04 4.79
N THR B 117 -9.70 40.01 3.49
CA THR B 117 -10.92 39.31 3.03
C THR B 117 -10.57 38.31 1.93
N PHE B 118 -11.21 37.16 1.94
CA PHE B 118 -10.94 36.11 0.97
C PHE B 118 -12.22 35.52 0.46
N HIS B 119 -12.25 35.17 -0.81
CA HIS B 119 -13.38 34.45 -1.37
C HIS B 119 -13.18 32.98 -0.98
N PRO B 120 -14.28 32.20 -0.91
CA PRO B 120 -14.14 30.77 -0.57
C PRO B 120 -13.16 30.01 -1.45
N GLU B 121 -13.11 30.32 -2.75
CA GLU B 121 -12.19 29.64 -3.67
C GLU B 121 -10.72 30.02 -3.41
N GLU B 122 -10.46 31.17 -2.79
CA GLU B 122 -9.12 31.55 -2.39
C GLU B 122 -8.67 30.70 -1.19
N ILE B 123 -9.57 30.46 -0.24
CA ILE B 123 -9.26 29.61 0.90
C ILE B 123 -9.02 28.18 0.41
N SER B 124 -9.91 27.68 -0.45
CA SER B 124 -9.76 26.33 -0.99
C SER B 124 -8.49 26.20 -1.86
N SER B 125 -8.08 27.28 -2.55
CA SER B 125 -6.85 27.30 -3.36
C SER B 125 -5.63 27.08 -2.44
N MET B 126 -5.68 27.63 -1.21
CA MET B 126 -4.57 27.43 -0.27
C MET B 126 -4.48 25.99 0.20
N VAL B 127 -5.64 25.33 0.37
CA VAL B 127 -5.65 23.91 0.74
C VAL B 127 -5.12 23.08 -0.46
N LEU B 128 -5.58 23.38 -1.68
CA LEU B 128 -5.14 22.66 -2.88
C LEU B 128 -3.64 22.84 -3.11
N LYS B 129 -3.10 24.03 -2.85
CA LYS B 129 -1.68 24.33 -2.98
C LYS B 129 -0.89 23.53 -1.97
N LYS B 130 -1.40 23.36 -0.75
CA LYS B 130 -0.76 22.53 0.26
C LYS B 130 -0.72 21.06 -0.21
N MET B 131 -1.81 20.53 -0.79
CA MET B 131 -1.87 19.14 -1.28
C MET B 131 -0.93 18.95 -2.47
N LYS B 132 -0.82 19.97 -3.35
CA LYS B 132 0.11 19.98 -4.48
C LYS B 132 1.55 19.88 -3.93
N GLU B 133 1.87 20.66 -2.88
CA GLU B 133 3.19 20.66 -2.25
C GLU B 133 3.49 19.35 -1.53
N VAL B 134 2.49 18.71 -0.93
CA VAL B 134 2.66 17.42 -0.29
C VAL B 134 3.13 16.39 -1.35
N ALA B 135 2.51 16.41 -2.53
CA ALA B 135 2.86 15.52 -3.65
C ALA B 135 4.25 15.89 -4.18
N GLU B 136 4.52 17.19 -4.33
CA GLU B 136 5.81 17.66 -4.84
C GLU B 136 7.00 17.27 -3.95
N THR B 137 6.82 17.33 -2.63
CA THR B 137 7.87 16.93 -1.68
C THR B 137 8.17 15.46 -1.84
N TYR B 138 7.13 14.64 -2.02
CA TYR B 138 7.27 13.21 -2.19
C TYR B 138 7.96 12.89 -3.54
N LEU B 139 7.50 13.51 -4.63
CA LEU B 139 8.05 13.24 -5.95
C LEU B 139 9.42 13.86 -6.19
N GLY B 140 9.73 14.94 -5.48
CA GLY B 140 10.95 15.70 -5.70
C GLY B 140 10.92 16.47 -7.01
N LYS B 141 9.71 16.66 -7.60
CA LYS B 141 9.49 17.31 -8.88
C LYS B 141 8.19 18.13 -8.85
N PRO B 142 8.09 19.18 -9.67
CA PRO B 142 6.84 19.94 -9.73
C PRO B 142 5.69 19.09 -10.29
N VAL B 143 4.47 19.40 -9.86
CA VAL B 143 3.23 18.73 -10.29
C VAL B 143 2.35 19.83 -10.86
N LYS B 144 1.81 19.64 -12.07
CA LYS B 144 0.97 20.66 -12.69
C LYS B 144 -0.45 20.15 -12.89
N ASN B 145 -0.63 18.88 -13.22
CA ASN B 145 -1.93 18.34 -13.59
C ASN B 145 -2.62 17.65 -12.43
N ALA B 146 -3.95 17.78 -12.35
CA ALA B 146 -4.73 17.20 -11.27
C ALA B 146 -6.15 16.92 -11.64
N VAL B 147 -6.74 15.91 -11.00
CA VAL B 147 -8.18 15.68 -11.05
C VAL B 147 -8.66 16.06 -9.62
N ILE B 148 -9.69 16.91 -9.53
CA ILE B 148 -10.24 17.29 -8.24
C ILE B 148 -11.68 16.79 -8.16
N THR B 149 -12.06 16.25 -7.00
CA THR B 149 -13.40 15.73 -6.79
C THR B 149 -14.30 16.76 -6.10
N VAL B 150 -15.61 16.64 -6.34
CA VAL B 150 -16.66 17.46 -5.73
C VAL B 150 -17.86 16.53 -5.45
N PRO B 151 -18.73 16.91 -4.50
CA PRO B 151 -19.95 16.11 -4.28
C PRO B 151 -20.80 16.06 -5.54
N ALA B 152 -21.53 14.96 -5.74
CA ALA B 152 -22.38 14.79 -6.91
C ALA B 152 -23.44 15.86 -7.02
N TYR B 153 -23.93 16.39 -5.89
CA TYR B 153 -24.99 17.41 -5.92
C TYR B 153 -24.44 18.82 -6.22
N PHE B 154 -23.11 19.02 -6.30
CA PHE B 154 -22.55 20.33 -6.62
C PHE B 154 -23.09 20.85 -7.95
N ASN B 155 -23.55 22.11 -7.98
CA ASN B 155 -24.07 22.69 -9.21
C ASN B 155 -22.90 23.25 -10.06
N ASP B 156 -23.21 23.83 -11.22
CA ASP B 156 -22.21 24.38 -12.12
C ASP B 156 -21.34 25.45 -11.44
N SER B 157 -21.95 26.32 -10.61
CA SER B 157 -21.22 27.39 -9.95
C SER B 157 -20.23 26.85 -8.93
N GLN B 158 -20.62 25.82 -8.18
CA GLN B 158 -19.76 25.19 -7.18
C GLN B 158 -18.61 24.43 -7.86
N ARG B 159 -18.89 23.78 -9.01
CA ARG B 159 -17.87 23.08 -9.76
C ARG B 159 -16.85 24.07 -10.37
N GLN B 160 -17.36 25.17 -10.95
CA GLN B 160 -16.51 26.18 -11.56
C GLN B 160 -15.62 26.85 -10.53
N ALA B 161 -16.17 27.16 -9.34
CA ALA B 161 -15.39 27.79 -8.29
C ALA B 161 -14.30 26.84 -7.77
N THR B 162 -14.59 25.53 -7.71
CA THR B 162 -13.59 24.54 -7.31
C THR B 162 -12.47 24.46 -8.37
N LYS B 163 -12.84 24.54 -9.66
CA LYS B 163 -11.87 24.54 -10.74
C LYS B 163 -10.98 25.80 -10.64
N ASP B 164 -11.58 26.97 -10.38
CA ASP B 164 -10.90 28.25 -10.19
C ASP B 164 -9.93 28.17 -9.02
N ALA B 165 -10.33 27.52 -7.89
CA ALA B 165 -9.47 27.28 -6.75
C ALA B 165 -8.20 26.50 -7.20
N GLY B 166 -8.38 25.51 -8.10
CA GLY B 166 -7.28 24.73 -8.65
C GLY B 166 -6.34 25.59 -9.47
N ALA B 167 -6.90 26.45 -10.34
CA ALA B 167 -6.11 27.34 -11.19
C ALA B 167 -5.32 28.32 -10.33
N ILE B 168 -5.92 28.91 -9.30
CA ILE B 168 -5.24 29.83 -8.39
C ILE B 168 -4.08 29.11 -7.68
N ALA B 169 -4.26 27.80 -7.33
CA ALA B 169 -3.23 26.99 -6.70
C ALA B 169 -2.07 26.58 -7.65
N GLY B 170 -2.20 26.88 -8.95
CA GLY B 170 -1.19 26.56 -9.96
C GLY B 170 -1.37 25.20 -10.60
N LEU B 171 -2.59 24.64 -10.51
CA LEU B 171 -2.87 23.33 -11.08
C LEU B 171 -3.62 23.51 -12.37
N ASN B 172 -3.35 22.58 -13.30
CA ASN B 172 -4.06 22.47 -14.55
C ASN B 172 -5.07 21.38 -14.20
N VAL B 173 -6.33 21.78 -14.07
CA VAL B 173 -7.37 20.84 -13.66
C VAL B 173 -7.83 20.07 -14.87
N LEU B 174 -7.41 18.81 -14.95
CA LEU B 174 -7.78 17.96 -16.08
C LEU B 174 -9.25 17.71 -16.10
N ARG B 175 -9.88 17.57 -14.94
CA ARG B 175 -11.29 17.28 -14.83
C ARG B 175 -11.73 17.41 -13.38
N ILE B 176 -13.00 17.80 -13.20
CA ILE B 176 -13.72 17.81 -11.93
C ILE B 176 -14.60 16.56 -12.02
N ILE B 177 -14.48 15.63 -11.09
CA ILE B 177 -15.31 14.41 -11.12
C ILE B 177 -16.08 14.29 -9.80
N ASN B 178 -17.14 13.51 -9.79
CA ASN B 178 -17.96 13.31 -8.60
C ASN B 178 -17.28 12.41 -7.59
N GLU B 179 -17.40 12.74 -6.30
CA GLU B 179 -16.84 11.95 -5.21
C GLU B 179 -17.33 10.49 -5.21
N PRO B 180 -18.63 10.22 -5.33
CA PRO B 180 -19.09 8.82 -5.34
C PRO B 180 -18.53 8.04 -6.54
N THR B 181 -18.43 8.69 -7.70
CA THR B 181 -17.88 8.08 -8.89
C THR B 181 -16.39 7.77 -8.65
N ALA B 182 -15.64 8.68 -8.01
CA ALA B 182 -14.22 8.47 -7.71
C ALA B 182 -14.06 7.25 -6.80
N ALA B 183 -14.95 7.07 -5.81
CA ALA B 183 -14.88 5.93 -4.93
C ALA B 183 -15.12 4.62 -5.69
N ALA B 184 -16.06 4.62 -6.64
CA ALA B 184 -16.36 3.45 -7.46
C ALA B 184 -15.17 3.10 -8.35
N ILE B 185 -14.54 4.13 -8.95
CA ILE B 185 -13.35 3.97 -9.78
C ILE B 185 -12.20 3.34 -8.96
N ALA B 186 -12.04 3.77 -7.70
CA ALA B 186 -11.01 3.25 -6.82
C ALA B 186 -11.09 1.74 -6.65
N TYR B 187 -12.30 1.20 -6.60
CA TYR B 187 -12.48 -0.25 -6.46
C TYR B 187 -12.45 -1.04 -7.77
N GLY B 188 -12.22 -0.36 -8.88
CA GLY B 188 -12.18 -0.98 -10.20
C GLY B 188 -13.51 -1.58 -10.60
N LEU B 189 -14.61 -0.99 -10.12
CA LEU B 189 -15.94 -1.50 -10.42
C LEU B 189 -16.32 -1.32 -11.88
N ASP B 190 -15.64 -0.41 -12.61
CA ASP B 190 -15.80 -0.19 -14.04
C ASP B 190 -15.05 -1.26 -14.86
N LYS B 191 -13.96 -1.82 -14.31
CA LYS B 191 -13.17 -2.83 -15.02
C LYS B 191 -13.62 -4.26 -14.65
N LYS B 192 -14.93 -4.48 -14.43
CA LYS B 192 -15.45 -5.80 -14.10
C LYS B 192 -16.47 -6.32 -15.13
N GLY B 193 -16.24 -7.53 -15.63
CA GLY B 193 -17.09 -8.13 -16.65
C GLY B 193 -18.41 -8.69 -16.15
N LYS B 194 -19.06 -7.97 -15.23
CA LYS B 194 -20.34 -8.39 -14.66
C LYS B 194 -21.51 -8.09 -15.62
N GLY B 195 -21.59 -6.84 -16.07
CA GLY B 195 -22.61 -6.33 -16.98
C GLY B 195 -22.99 -4.95 -16.51
N GLU B 196 -24.29 -4.65 -16.38
CA GLU B 196 -24.71 -3.35 -15.79
C GLU B 196 -24.63 -3.53 -14.26
N GLN B 197 -24.07 -2.56 -13.55
CA GLN B 197 -23.90 -2.69 -12.10
C GLN B 197 -24.53 -1.53 -11.36
N ASN B 198 -25.25 -1.82 -10.28
CA ASN B 198 -25.87 -0.83 -9.42
C ASN B 198 -25.00 -0.73 -8.17
N ILE B 199 -24.32 0.41 -7.99
CA ILE B 199 -23.39 0.62 -6.90
C ILE B 199 -23.92 1.65 -5.91
N LEU B 200 -23.96 1.29 -4.62
CA LEU B 200 -24.35 2.24 -3.58
C LEU B 200 -23.12 2.76 -2.85
N ILE B 201 -22.89 4.08 -2.86
CA ILE B 201 -21.78 4.70 -2.16
C ILE B 201 -22.32 5.27 -0.87
N PHE B 202 -21.83 4.78 0.27
CA PHE B 202 -22.23 5.24 1.60
C PHE B 202 -21.05 6.03 2.14
N ASP B 203 -21.15 7.37 2.11
CA ASP B 203 -20.08 8.27 2.49
C ASP B 203 -20.41 9.07 3.73
N LEU B 204 -19.83 8.68 4.87
CA LEU B 204 -20.07 9.39 6.12
C LEU B 204 -18.75 9.97 6.62
N GLY B 205 -18.59 11.28 6.47
CA GLY B 205 -17.39 11.99 6.88
C GLY B 205 -17.48 12.66 8.25
N GLY B 206 -16.90 13.85 8.33
CA GLY B 206 -16.84 14.60 9.58
C GLY B 206 -18.01 15.53 9.76
N GLY B 207 -18.41 16.17 8.68
CA GLY B 207 -19.53 17.09 8.73
C GLY B 207 -20.74 16.74 7.88
N THR B 208 -20.56 15.87 6.86
CA THR B 208 -21.66 15.50 5.95
C THR B 208 -21.83 13.98 5.75
N PHE B 209 -23.02 13.59 5.28
CA PHE B 209 -23.38 12.23 4.97
C PHE B 209 -24.00 12.24 3.58
N ASP B 210 -23.40 11.49 2.64
CA ASP B 210 -23.87 11.40 1.28
C ASP B 210 -24.04 9.96 0.86
N VAL B 211 -25.22 9.63 0.34
CA VAL B 211 -25.50 8.31 -0.20
C VAL B 211 -25.80 8.54 -1.68
N SER B 212 -25.12 7.79 -2.54
CA SER B 212 -25.31 7.94 -3.98
C SER B 212 -25.49 6.57 -4.60
N LEU B 213 -26.48 6.44 -5.48
CA LEU B 213 -26.70 5.20 -6.20
C LEU B 213 -26.23 5.48 -7.63
N LEU B 214 -25.26 4.70 -8.09
CA LEU B 214 -24.67 4.82 -9.41
C LEU B 214 -25.00 3.59 -10.23
N THR B 215 -24.96 3.75 -11.55
CA THR B 215 -25.10 2.66 -12.49
C THR B 215 -23.89 2.70 -13.42
N LEU B 216 -23.38 1.53 -13.81
CA LEU B 216 -22.23 1.44 -14.70
C LEU B 216 -22.64 0.82 -16.02
N GLU B 217 -23.15 1.63 -16.97
CA GLU B 217 -23.55 1.10 -18.28
C GLU B 217 -22.39 1.21 -19.29
N ASP B 218 -21.74 0.07 -19.62
CA ASP B 218 -20.60 -0.01 -20.53
C ASP B 218 -19.39 0.84 -20.10
N GLY B 219 -18.93 0.63 -18.87
CA GLY B 219 -17.79 1.37 -18.33
C GLY B 219 -18.03 2.85 -18.01
N ILE B 220 -19.24 3.34 -18.32
CA ILE B 220 -19.62 4.73 -18.08
C ILE B 220 -20.45 4.77 -16.82
N PHE B 221 -20.16 5.71 -15.94
CA PHE B 221 -20.89 5.85 -14.70
C PHE B 221 -22.01 6.86 -14.86
N GLU B 222 -23.11 6.63 -14.15
CA GLU B 222 -24.21 7.58 -14.11
C GLU B 222 -24.69 7.65 -12.66
N VAL B 223 -24.89 8.87 -12.14
CA VAL B 223 -25.44 9.07 -10.81
C VAL B 223 -26.95 9.04 -10.95
N LYS B 224 -27.60 7.95 -10.53
CA LYS B 224 -29.04 7.79 -10.66
C LYS B 224 -29.82 8.52 -9.57
N ALA B 225 -29.32 8.51 -8.33
CA ALA B 225 -30.01 9.15 -7.21
C ALA B 225 -29.04 9.48 -6.11
N THR B 226 -29.26 10.59 -5.41
CA THR B 226 -28.43 10.99 -4.26
C THR B 226 -29.33 11.45 -3.12
N SER B 227 -28.89 11.26 -1.91
CA SER B 227 -29.58 11.72 -0.71
C SER B 227 -28.55 11.73 0.43
N GLY B 228 -28.96 12.11 1.62
CA GLY B 228 -28.08 12.15 2.76
C GLY B 228 -28.50 13.22 3.74
N ASP B 229 -27.53 13.82 4.42
CA ASP B 229 -27.78 14.87 5.37
C ASP B 229 -26.49 15.69 5.41
N THR B 230 -26.56 16.96 4.94
CA THR B 230 -25.39 17.86 4.91
C THR B 230 -24.90 18.28 6.32
N HIS B 231 -25.63 17.88 7.37
CA HIS B 231 -25.29 18.20 8.74
C HIS B 231 -25.37 16.96 9.65
N LEU B 232 -24.81 15.82 9.18
CA LEU B 232 -24.64 14.56 9.93
C LEU B 232 -23.28 14.02 9.59
N GLY B 233 -22.44 13.92 10.60
CA GLY B 233 -21.09 13.39 10.46
C GLY B 233 -20.50 13.01 11.80
N GLY B 234 -19.21 12.70 11.79
CA GLY B 234 -18.47 12.34 12.99
C GLY B 234 -18.51 13.36 14.10
N GLU B 235 -18.55 14.66 13.76
CA GLU B 235 -18.61 15.72 14.78
C GLU B 235 -19.89 15.64 15.63
N ASP B 236 -20.97 15.10 15.06
CA ASP B 236 -22.23 14.90 15.78
C ASP B 236 -22.12 13.75 16.79
N PHE B 237 -21.30 12.72 16.49
CA PHE B 237 -21.06 11.60 17.40
C PHE B 237 -20.15 12.07 18.54
N ASP B 238 -19.17 12.98 18.25
CA ASP B 238 -18.31 13.57 19.27
C ASP B 238 -19.18 14.34 20.27
N ASN B 239 -20.16 15.10 19.76
CA ASN B 239 -21.08 15.89 20.59
C ASN B 239 -21.90 15.04 21.52
N LYS B 240 -22.25 13.81 21.11
CA LYS B 240 -22.96 12.88 21.99
C LYS B 240 -22.07 12.48 23.17
N LEU B 241 -20.76 12.31 22.95
CA LEU B 241 -19.80 11.99 24.00
C LEU B 241 -19.58 13.21 24.89
N VAL B 242 -19.48 14.41 24.29
CA VAL B 242 -19.32 15.67 25.03
C VAL B 242 -20.48 15.86 26.00
N ASN B 243 -21.74 15.81 25.49
CA ASN B 243 -22.95 15.95 26.32
C ASN B 243 -22.98 14.94 27.46
N PHE B 244 -22.56 13.69 27.21
CA PHE B 244 -22.52 12.67 28.25
C PHE B 244 -21.50 13.06 29.34
N CYS B 245 -20.29 13.46 28.94
CA CYS B 245 -19.21 13.82 29.86
C CYS B 245 -19.54 15.03 30.68
N VAL B 246 -20.26 16.02 30.09
CA VAL B 246 -20.72 17.23 30.78
C VAL B 246 -21.65 16.81 31.93
N GLN B 247 -22.57 15.88 31.66
CA GLN B 247 -23.51 15.36 32.66
C GLN B 247 -22.82 14.49 33.70
N ASP B 248 -21.79 13.74 33.28
CA ASP B 248 -21.01 12.87 34.15
C ASP B 248 -20.19 13.72 35.14
N PHE B 249 -19.64 14.84 34.65
CA PHE B 249 -18.86 15.77 35.47
C PHE B 249 -19.78 16.37 36.54
N LYS B 250 -21.03 16.73 36.16
CA LYS B 250 -22.05 17.26 37.07
C LYS B 250 -22.29 16.29 38.21
N LYS B 251 -22.55 14.99 37.91
CA LYS B 251 -22.81 13.97 38.93
C LYS B 251 -21.61 13.72 39.86
N LYS B 252 -20.39 13.96 39.37
CA LYS B 252 -19.18 13.73 40.15
C LYS B 252 -18.77 14.92 40.99
N ASN B 253 -19.02 16.13 40.49
CA ASN B 253 -18.56 17.36 41.11
C ASN B 253 -19.66 18.35 41.47
N GLY B 254 -20.61 17.88 42.28
CA GLY B 254 -21.73 18.63 42.84
C GLY B 254 -22.50 19.58 41.94
N GLY B 255 -22.74 19.18 40.70
CA GLY B 255 -23.51 19.97 39.75
C GLY B 255 -22.78 21.04 38.96
N LYS B 256 -21.43 21.07 38.97
CA LYS B 256 -20.68 22.08 38.19
C LYS B 256 -20.93 21.89 36.68
N ASP B 257 -21.13 22.97 35.93
CA ASP B 257 -21.46 22.90 34.51
C ASP B 257 -20.32 23.31 33.58
N VAL B 258 -19.66 22.31 32.97
CA VAL B 258 -18.55 22.50 32.02
C VAL B 258 -18.98 23.30 30.78
N SER B 259 -20.27 23.15 30.37
CA SER B 259 -20.83 23.81 29.19
C SER B 259 -20.75 25.33 29.22
N LYS B 260 -20.68 25.93 30.43
CA LYS B 260 -20.62 27.38 30.54
C LYS B 260 -19.24 27.96 30.17
N ASN B 261 -18.20 27.10 30.07
CA ASN B 261 -16.86 27.51 29.65
C ASN B 261 -16.58 26.89 28.27
N SER B 262 -16.47 27.72 27.22
CA SER B 262 -16.26 27.26 25.84
C SER B 262 -14.90 26.60 25.64
N LYS B 263 -13.88 27.05 26.38
CA LYS B 263 -12.55 26.44 26.30
C LYS B 263 -12.58 25.05 26.93
N SER B 264 -13.32 24.87 28.03
CA SER B 264 -13.46 23.56 28.68
C SER B 264 -14.16 22.59 27.72
N LEU B 265 -15.18 23.06 26.99
CA LEU B 265 -15.90 22.23 26.02
C LEU B 265 -15.00 21.80 24.88
N ARG B 266 -14.18 22.73 24.34
CA ARG B 266 -13.27 22.44 23.22
C ARG B 266 -12.24 21.40 23.60
N ARG B 267 -11.64 21.52 24.79
CA ARG B 267 -10.66 20.57 25.29
C ARG B 267 -11.29 19.19 25.49
N LEU B 268 -12.53 19.16 25.98
CA LEU B 268 -13.28 17.92 26.21
C LEU B 268 -13.62 17.27 24.86
N ARG B 269 -14.02 18.10 23.87
CA ARG B 269 -14.37 17.64 22.52
C ARG B 269 -13.19 16.95 21.85
N THR B 270 -11.98 17.55 21.97
CA THR B 270 -10.75 16.99 21.43
C THR B 270 -10.51 15.56 21.96
N GLN B 271 -10.65 15.38 23.27
CA GLN B 271 -10.46 14.08 23.88
C GLN B 271 -11.59 13.10 23.57
N CYS B 272 -12.83 13.59 23.35
CA CYS B 272 -13.97 12.72 23.02
C CYS B 272 -13.79 12.13 21.62
N GLU B 273 -13.32 12.95 20.67
CA GLU B 273 -13.07 12.45 19.33
C GLU B 273 -11.96 11.40 19.32
N LYS B 274 -10.93 11.56 20.18
CA LYS B 274 -9.85 10.57 20.26
C LYS B 274 -10.40 9.26 20.77
N ALA B 275 -11.20 9.28 21.84
CA ALA B 275 -11.80 8.08 22.42
C ALA B 275 -12.71 7.38 21.41
N LYS B 276 -13.47 8.15 20.62
CA LYS B 276 -14.34 7.64 19.56
C LYS B 276 -13.53 6.77 18.57
N ARG B 277 -12.38 7.30 18.09
CA ARG B 277 -11.52 6.57 17.17
C ARG B 277 -11.02 5.27 17.77
N VAL B 278 -10.59 5.29 19.04
CA VAL B 278 -10.11 4.10 19.74
C VAL B 278 -11.20 3.03 19.80
N LEU B 279 -12.46 3.46 20.06
CA LEU B 279 -13.63 2.59 20.12
C LEU B 279 -13.95 1.86 18.81
N SER B 280 -13.34 2.29 17.68
CA SER B 280 -13.54 1.59 16.42
C SER B 280 -12.70 0.28 16.36
N SER B 281 -11.67 0.15 17.22
CA SER B 281 -10.86 -1.06 17.24
C SER B 281 -10.70 -1.66 18.66
N SER B 282 -11.21 -1.00 19.71
CA SER B 282 -11.18 -1.54 21.08
C SER B 282 -12.58 -1.52 21.69
N ALA B 283 -12.81 -2.34 22.73
CA ALA B 283 -14.10 -2.40 23.39
C ALA B 283 -14.33 -1.25 24.39
N GLN B 284 -13.25 -0.54 24.78
CA GLN B 284 -13.26 0.53 25.77
C GLN B 284 -12.24 1.60 25.43
N ALA B 285 -12.43 2.79 25.99
CA ALA B 285 -11.52 3.91 25.80
C ALA B 285 -11.63 4.84 27.00
N THR B 286 -10.58 5.61 27.27
CA THR B 286 -10.59 6.56 28.37
C THR B 286 -10.63 7.99 27.84
N ILE B 287 -11.50 8.83 28.42
CA ILE B 287 -11.57 10.25 28.11
C ILE B 287 -10.97 10.92 29.32
N GLU B 288 -9.92 11.72 29.15
CA GLU B 288 -9.23 12.33 30.26
C GLU B 288 -8.77 13.77 29.97
N VAL B 289 -9.16 14.71 30.83
CA VAL B 289 -8.78 16.12 30.70
C VAL B 289 -8.34 16.61 32.06
N ASP B 290 -7.05 16.95 32.19
CA ASP B 290 -6.53 17.47 33.44
C ASP B 290 -6.96 18.92 33.57
N SER B 291 -7.42 19.32 34.78
CA SER B 291 -7.90 20.68 35.09
C SER B 291 -8.90 21.18 34.03
N LEU B 292 -9.97 20.42 33.85
CA LEU B 292 -11.00 20.67 32.85
C LEU B 292 -11.80 21.95 33.13
N PHE B 293 -12.37 22.07 34.35
CA PHE B 293 -13.18 23.20 34.80
C PHE B 293 -12.92 23.35 36.28
N ASP B 294 -12.68 24.58 36.76
CA ASP B 294 -12.43 24.89 38.17
C ASP B 294 -11.25 24.12 38.75
N GLY B 295 -10.23 23.88 37.92
CA GLY B 295 -9.04 23.14 38.33
C GLY B 295 -9.31 21.68 38.67
N ILE B 296 -10.49 21.16 38.28
CA ILE B 296 -10.84 19.77 38.56
C ILE B 296 -10.46 18.86 37.41
N ASP B 297 -9.76 17.77 37.72
CA ASP B 297 -9.38 16.78 36.72
C ASP B 297 -10.58 15.93 36.35
N TYR B 298 -10.69 15.54 35.09
CA TYR B 298 -11.77 14.69 34.63
C TYR B 298 -11.24 13.43 33.98
N ASN B 299 -11.87 12.30 34.30
CA ASN B 299 -11.52 10.98 33.77
C ASN B 299 -12.79 10.13 33.72
N VAL B 300 -12.99 9.39 32.63
CA VAL B 300 -14.12 8.48 32.48
C VAL B 300 -13.77 7.37 31.49
N ASN B 301 -14.32 6.17 31.69
CA ASN B 301 -14.12 5.06 30.77
C ASN B 301 -15.41 4.88 29.98
N ILE B 302 -15.31 4.84 28.65
CA ILE B 302 -16.46 4.68 27.76
C ILE B 302 -16.34 3.35 27.03
N THR B 303 -17.33 2.47 27.20
CA THR B 303 -17.35 1.21 26.47
C THR B 303 -17.93 1.49 25.08
N ARG B 304 -17.63 0.62 24.12
CA ARG B 304 -18.18 0.72 22.77
C ARG B 304 -19.72 0.63 22.82
N ALA B 305 -20.26 -0.20 23.75
CA ALA B 305 -21.70 -0.34 23.98
C ALA B 305 -22.34 1.00 24.39
N LYS B 306 -21.69 1.75 25.29
CA LYS B 306 -22.22 3.05 25.74
C LYS B 306 -22.20 4.08 24.61
N PHE B 307 -21.13 4.08 23.79
CA PHE B 307 -21.02 4.97 22.64
C PHE B 307 -22.12 4.65 21.63
N GLU B 308 -22.35 3.35 21.38
CA GLU B 308 -23.39 2.88 20.47
C GLU B 308 -24.81 3.27 20.97
N GLU B 309 -25.00 3.27 22.28
CA GLU B 309 -26.26 3.62 22.91
C GLU B 309 -26.51 5.13 22.74
N LEU B 310 -25.51 5.97 23.02
CA LEU B 310 -25.64 7.43 22.88
C LEU B 310 -25.94 7.85 21.45
N CYS B 311 -25.41 7.09 20.47
CA CYS B 311 -25.52 7.40 19.04
C CYS B 311 -26.52 6.54 18.28
N MET B 312 -27.24 5.64 18.97
CA MET B 312 -28.19 4.67 18.45
C MET B 312 -29.12 5.21 17.37
N ASP B 313 -29.80 6.33 17.64
CA ASP B 313 -30.75 6.92 16.68
C ASP B 313 -30.02 7.46 15.46
N GLN B 314 -28.92 8.18 15.68
CA GLN B 314 -28.15 8.76 14.58
C GLN B 314 -27.56 7.72 13.67
N PHE B 315 -27.11 6.59 14.22
CA PHE B 315 -26.53 5.49 13.47
C PHE B 315 -27.60 4.82 12.61
N ARG B 316 -28.73 4.45 13.24
CA ARG B 316 -29.85 3.80 12.58
C ARG B 316 -30.43 4.69 11.48
N ASN B 317 -30.52 6.00 11.72
CA ASN B 317 -31.08 6.94 10.74
C ASN B 317 -30.22 7.13 9.49
N THR B 318 -28.98 6.59 9.47
CA THR B 318 -28.16 6.62 8.25
C THR B 318 -28.80 5.75 7.16
N LEU B 319 -29.64 4.76 7.54
CA LEU B 319 -30.31 3.91 6.59
C LEU B 319 -31.47 4.60 5.88
N ILE B 320 -32.02 5.71 6.45
CA ILE B 320 -33.14 6.43 5.83
C ILE B 320 -32.75 6.99 4.46
N PRO B 321 -31.62 7.72 4.29
CA PRO B 321 -31.21 8.15 2.94
C PRO B 321 -30.84 6.97 2.02
N VAL B 322 -30.47 5.81 2.56
CA VAL B 322 -30.20 4.62 1.76
C VAL B 322 -31.54 4.16 1.13
N GLU B 323 -32.60 4.09 1.95
CA GLU B 323 -33.93 3.72 1.48
C GLU B 323 -34.45 4.74 0.47
N LYS B 324 -34.17 6.04 0.70
CA LYS B 324 -34.61 7.09 -0.19
C LYS B 324 -33.97 7.04 -1.59
N VAL B 325 -32.64 6.78 -1.68
CA VAL B 325 -32.00 6.68 -3.01
C VAL B 325 -32.51 5.47 -3.76
N LEU B 326 -32.78 4.35 -3.06
CA LEU B 326 -33.28 3.14 -3.70
C LEU B 326 -34.67 3.42 -4.27
N LYS B 327 -35.52 4.10 -3.48
CA LYS B 327 -36.87 4.51 -3.90
C LYS B 327 -36.78 5.45 -5.12
N ASP B 328 -35.96 6.53 -5.07
CA ASP B 328 -35.79 7.46 -6.18
C ASP B 328 -35.28 6.77 -7.43
N ALA B 329 -34.35 5.82 -7.28
CA ALA B 329 -33.84 5.08 -8.43
C ALA B 329 -34.74 3.96 -8.88
N LYS B 330 -35.89 3.78 -8.21
CA LYS B 330 -36.87 2.75 -8.53
C LYS B 330 -36.22 1.35 -8.50
N MET B 331 -35.51 1.02 -7.40
CA MET B 331 -34.89 -0.31 -7.31
C MET B 331 -34.90 -0.86 -5.89
N ASP B 332 -34.88 -2.20 -5.79
CA ASP B 332 -34.87 -2.96 -4.55
C ASP B 332 -33.41 -3.05 -4.03
N LYS B 333 -33.24 -3.15 -2.69
CA LYS B 333 -31.91 -3.28 -2.11
C LYS B 333 -31.17 -4.54 -2.59
N SER B 334 -31.93 -5.59 -2.98
CA SER B 334 -31.38 -6.83 -3.53
C SER B 334 -30.68 -6.62 -4.87
N GLN B 335 -31.01 -5.52 -5.59
CA GLN B 335 -30.41 -5.20 -6.88
C GLN B 335 -29.08 -4.49 -6.79
N VAL B 336 -28.63 -4.12 -5.58
CA VAL B 336 -27.34 -3.45 -5.40
C VAL B 336 -26.23 -4.49 -5.46
N HIS B 337 -25.30 -4.32 -6.42
CA HIS B 337 -24.16 -5.22 -6.65
C HIS B 337 -23.02 -4.98 -5.68
N GLU B 338 -22.74 -3.70 -5.36
CA GLU B 338 -21.66 -3.35 -4.44
C GLU B 338 -22.06 -2.20 -3.55
N ILE B 339 -21.69 -2.27 -2.26
CA ILE B 339 -21.88 -1.19 -1.28
C ILE B 339 -20.49 -0.70 -0.91
N VAL B 340 -20.12 0.52 -1.27
CA VAL B 340 -18.79 1.05 -0.98
C VAL B 340 -18.79 1.98 0.25
N LEU B 341 -17.97 1.67 1.26
CA LEU B 341 -17.87 2.51 2.45
C LEU B 341 -16.79 3.57 2.26
N VAL B 342 -17.20 4.85 2.28
CA VAL B 342 -16.34 6.03 2.10
C VAL B 342 -16.51 6.95 3.35
N GLY B 343 -15.48 7.71 3.68
CA GLY B 343 -15.53 8.61 4.82
C GLY B 343 -14.99 7.99 6.08
N GLY B 344 -14.28 8.78 6.88
CA GLY B 344 -13.68 8.31 8.11
C GLY B 344 -14.63 7.70 9.12
N SER B 345 -15.88 8.17 9.16
CA SER B 345 -16.88 7.66 10.10
C SER B 345 -17.36 6.24 9.79
N THR B 346 -17.13 5.73 8.56
CA THR B 346 -17.52 4.35 8.22
C THR B 346 -16.62 3.29 8.89
N ARG B 347 -15.56 3.71 9.61
CA ARG B 347 -14.74 2.81 10.40
C ARG B 347 -15.49 2.36 11.67
N ILE B 348 -16.60 3.03 12.06
CA ILE B 348 -17.36 2.66 13.25
C ILE B 348 -18.01 1.30 13.03
N PRO B 349 -17.64 0.28 13.83
CA PRO B 349 -18.20 -1.05 13.62
C PRO B 349 -19.72 -1.14 13.57
N LYS B 350 -20.44 -0.39 14.41
CA LYS B 350 -21.91 -0.41 14.43
C LYS B 350 -22.50 0.04 13.10
N ILE B 351 -21.87 1.04 12.47
CA ILE B 351 -22.33 1.53 11.18
C ILE B 351 -22.14 0.46 10.12
N GLN B 352 -20.99 -0.23 10.13
CA GLN B 352 -20.72 -1.31 9.19
C GLN B 352 -21.73 -2.44 9.36
N GLN B 353 -22.06 -2.79 10.62
CA GLN B 353 -23.02 -3.84 10.92
C GLN B 353 -24.43 -3.46 10.47
N LEU B 354 -24.87 -2.22 10.73
CA LEU B 354 -26.18 -1.73 10.31
C LEU B 354 -26.37 -1.82 8.78
N ILE B 355 -25.34 -1.41 8.00
CA ILE B 355 -25.36 -1.44 6.54
C ILE B 355 -25.41 -2.90 6.02
N LYS B 356 -24.57 -3.78 6.60
CA LYS B 356 -24.50 -5.18 6.23
C LYS B 356 -25.84 -5.85 6.48
N ASP B 357 -26.45 -5.60 7.64
CA ASP B 357 -27.75 -6.17 7.98
C ASP B 357 -28.84 -5.63 7.06
N PHE B 358 -28.81 -4.33 6.74
CA PHE B 358 -29.78 -3.74 5.80
C PHE B 358 -29.71 -4.45 4.44
N PHE B 359 -28.49 -4.75 3.97
CA PHE B 359 -28.29 -5.43 2.70
C PHE B 359 -28.24 -6.96 2.83
N ASN B 360 -28.93 -7.49 3.85
CA ASN B 360 -29.10 -8.92 4.10
C ASN B 360 -27.80 -9.72 4.12
N GLY B 361 -26.81 -9.22 4.81
CA GLY B 361 -25.55 -9.94 4.99
C GLY B 361 -24.49 -9.70 3.94
N LYS B 362 -24.78 -8.86 2.94
CA LYS B 362 -23.82 -8.55 1.88
C LYS B 362 -22.65 -7.79 2.45
N GLU B 363 -21.43 -8.25 2.19
CA GLU B 363 -20.23 -7.57 2.67
C GLU B 363 -19.97 -6.29 1.88
N PRO B 364 -19.80 -5.16 2.56
CA PRO B 364 -19.47 -3.93 1.83
C PRO B 364 -18.01 -3.91 1.38
N LYS B 366 -14.73 -2.28 1.61
CA LYS B 366 -14.08 -1.39 2.56
C LYS B 366 -12.56 -1.59 2.66
N ALA B 367 -11.95 -2.31 1.70
CA ALA B 367 -10.52 -2.61 1.68
C ALA B 367 -9.68 -1.34 1.58
N ILE B 368 -10.16 -0.33 0.86
CA ILE B 368 -9.43 0.94 0.77
C ILE B 368 -9.79 1.79 2.00
N ASN B 369 -8.78 2.39 2.69
CA ASN B 369 -8.97 3.32 3.84
C ASN B 369 -10.07 4.31 3.45
N PRO B 370 -11.22 4.32 4.13
CA PRO B 370 -12.39 5.05 3.62
C PRO B 370 -12.19 6.56 3.45
N ASP B 371 -11.31 7.15 4.23
CA ASP B 371 -10.98 8.56 4.07
C ASP B 371 -9.94 8.82 2.94
N GLU B 372 -9.52 7.75 2.20
CA GLU B 372 -8.59 7.80 1.08
C GLU B 372 -9.19 7.32 -0.25
N ALA B 373 -10.36 6.66 -0.22
CA ALA B 373 -10.96 6.08 -1.42
C ALA B 373 -11.26 7.08 -2.52
N VAL B 374 -11.72 8.30 -2.16
CA VAL B 374 -12.02 9.33 -3.15
C VAL B 374 -10.74 9.85 -3.82
N ALA B 375 -9.68 10.15 -3.04
CA ALA B 375 -8.40 10.59 -3.62
C ALA B 375 -7.81 9.47 -4.47
N TYR B 376 -7.96 8.21 -4.03
CA TYR B 376 -7.48 7.01 -4.72
C TYR B 376 -8.10 6.96 -6.14
N GLY B 377 -9.42 7.06 -6.21
CA GLY B 377 -10.12 7.06 -7.48
C GLY B 377 -9.79 8.26 -8.35
N ALA B 378 -9.62 9.44 -7.76
CA ALA B 378 -9.24 10.64 -8.49
C ALA B 378 -7.84 10.47 -9.08
N ALA B 379 -6.93 9.81 -8.34
CA ALA B 379 -5.56 9.56 -8.78
C ALA B 379 -5.55 8.61 -9.96
N VAL B 380 -6.42 7.57 -9.94
CA VAL B 380 -6.57 6.61 -11.03
C VAL B 380 -7.07 7.39 -12.28
N GLN B 381 -8.10 8.20 -12.11
CA GLN B 381 -8.66 8.98 -13.21
C GLN B 381 -7.64 9.98 -13.76
N ALA B 382 -6.81 10.58 -12.90
CA ALA B 382 -5.79 11.53 -13.36
C ALA B 382 -4.74 10.84 -14.21
N ALA B 383 -4.39 9.58 -13.87
CA ALA B 383 -3.41 8.80 -14.61
C ALA B 383 -3.99 8.42 -15.97
N ILE B 384 -5.28 7.98 -16.02
CA ILE B 384 -5.97 7.66 -17.27
C ILE B 384 -5.99 8.89 -18.18
N LEU B 385 -6.44 10.05 -17.66
CA LEU B 385 -6.47 11.29 -18.46
C LEU B 385 -5.09 11.81 -18.87
N SER B 386 -4.02 11.28 -18.31
CA SER B 386 -2.66 11.62 -18.71
C SER B 386 -2.06 10.63 -19.72
N GLY B 387 -2.82 9.62 -20.13
CA GLY B 387 -2.34 8.63 -21.10
C GLY B 387 -1.76 7.36 -20.50
N ASP B 388 -1.84 7.18 -19.18
CA ASP B 388 -1.34 5.97 -18.53
C ASP B 388 -2.48 4.91 -18.43
#